data_8OWR
#
_entry.id   8OWR
#
_cell.length_a   76.546
_cell.length_b   77.172
_cell.length_c   149.182
_cell.angle_alpha   90.00
_cell.angle_beta   90.00
_cell.angle_gamma   90.00
#
_symmetry.space_group_name_H-M   'P 21 21 21'
#
loop_
_entity.id
_entity.type
_entity.pdbx_description
1 polymer 'Coenzyme A biosynthesis bifunctional protein CoaBC'
2 non-polymer "CYTIDINE-5'-TRIPHOSPHATE"
3 non-polymer 'CALCIUM ION'
4 non-polymer '2-[1-[3,4-bis(oxidanyl)phenyl]-5-(3-hydroxyphenyl)indol-3-yl]-2-oxidanylidene-ethanoic acid'
5 non-polymer 'ACETATE ION'
6 water water
#
_entity_poly.entity_id   1
_entity_poly.type   'polypeptide(L)'
_entity_poly.pdbx_seq_one_letter_code
;MAHHHHHHDMAGVKALVTAGGTREPLDPVRFIGNRSSGKQGYAVARVLAQRGADVTLIAGNTAGLIDPAGVEMVHIGSAT
QLRDAVSKHAPDANVLVMAAAVADFRPAHVAAAKIKKGASEPSSIDLVRNDDVLAGAVRARADGQLPNMRAIVGFAAETG
DANGDVLFHARAKLERKGCDLLVVNAVGENRAFEVDHNDGWLLSADGTESALEHGSKTLMATRIVDSIAAFLKSQDG
;
_entity_poly.pdbx_strand_id   A,B,C,D
#
# COMPACT_ATOMS: atom_id res chain seq x y z
N HIS A 7 1.69 38.50 7.43
CA HIS A 7 2.04 37.55 6.37
C HIS A 7 2.48 36.20 6.93
N HIS A 8 2.38 36.02 8.26
CA HIS A 8 2.75 34.76 8.92
C HIS A 8 1.75 34.39 10.02
N ASP A 9 0.45 34.50 9.73
CA ASP A 9 -0.57 34.26 10.76
C ASP A 9 -0.73 32.78 11.13
N MET A 10 -0.37 31.84 10.23
CA MET A 10 -0.58 30.42 10.49
C MET A 10 0.63 29.74 11.13
N ALA A 11 1.52 30.52 11.74
CA ALA A 11 2.62 29.94 12.49
C ALA A 11 2.07 29.12 13.66
N GLY A 12 2.61 27.92 13.85
CA GLY A 12 2.17 27.05 14.90
C GLY A 12 1.01 26.19 14.55
N VAL A 13 0.43 26.38 13.38
CA VAL A 13 -0.68 25.57 12.93
C VAL A 13 -0.12 24.30 12.30
N LYS A 14 -0.67 23.15 12.68
CA LYS A 14 -0.41 21.89 12.00
C LYS A 14 -1.54 21.68 10.99
N ALA A 15 -1.21 21.59 9.72
CA ALA A 15 -2.20 21.53 8.67
C ALA A 15 -2.00 20.27 7.84
N LEU A 16 -3.08 19.53 7.62
CA LEU A 16 -3.10 18.30 6.83
C LEU A 16 -3.98 18.51 5.61
N VAL A 17 -3.39 18.35 4.43
CA VAL A 17 -4.03 18.67 3.16
C VAL A 17 -4.05 17.41 2.31
N THR A 18 -5.18 17.13 1.69
CA THR A 18 -5.28 16.08 0.69
C THR A 18 -5.48 16.71 -0.67
N ALA A 19 -4.89 16.13 -1.71
CA ALA A 19 -4.90 16.76 -3.02
C ALA A 19 -4.75 15.70 -4.11
N GLY A 20 -5.29 15.99 -5.30
CA GLY A 20 -5.23 15.03 -6.38
C GLY A 20 -6.43 14.10 -6.35
N GLY A 21 -6.47 13.21 -7.33
CA GLY A 21 -7.51 12.21 -7.41
C GLY A 21 -6.98 10.84 -7.02
N THR A 22 -7.85 9.99 -6.50
CA THR A 22 -7.48 8.63 -6.13
C THR A 22 -7.74 7.67 -7.31
N ARG A 23 -7.05 6.54 -7.29
CA ARG A 23 -7.15 5.53 -8.33
C ARG A 23 -7.56 4.21 -7.70
N GLU A 24 -8.66 3.65 -8.16
CA GLU A 24 -9.16 2.42 -7.54
C GLU A 24 -8.76 1.22 -8.40
N PRO A 25 -7.78 0.42 -7.98
CA PRO A 25 -7.22 -0.59 -8.89
C PRO A 25 -8.24 -1.61 -9.36
N LEU A 26 -8.18 -1.92 -10.65
CA LEU A 26 -8.85 -3.10 -11.19
C LEU A 26 -7.94 -4.32 -11.16
N ASP A 27 -6.64 -4.09 -11.25
CA ASP A 27 -5.60 -5.11 -11.26
C ASP A 27 -4.27 -4.36 -11.14
N PRO A 28 -3.10 -4.98 -11.30
CA PRO A 28 -1.86 -4.23 -11.07
C PRO A 28 -1.67 -3.03 -11.97
N VAL A 29 -2.29 -2.97 -13.14
CA VAL A 29 -2.00 -1.95 -14.13
C VAL A 29 -3.18 -1.01 -14.35
N ARG A 30 -4.41 -1.53 -14.35
CA ARG A 30 -5.63 -0.80 -14.66
C ARG A 30 -6.32 -0.29 -13.40
N PHE A 31 -7.13 0.76 -13.56
CA PHE A 31 -7.77 1.39 -12.42
C PHE A 31 -8.88 2.30 -12.90
N ILE A 32 -9.70 2.75 -11.94
CA ILE A 32 -10.63 3.85 -12.12
C ILE A 32 -9.99 5.11 -11.56
N GLY A 33 -9.98 6.18 -12.35
CA GLY A 33 -9.40 7.44 -11.95
C GLY A 33 -10.30 8.58 -12.37
N ASN A 34 -9.91 9.80 -12.00
CA ASN A 34 -10.62 11.00 -12.44
C ASN A 34 -9.62 12.03 -13.00
N ARG A 35 -10.17 13.13 -13.55
CA ARG A 35 -9.38 14.12 -14.28
C ARG A 35 -8.90 15.28 -13.38
N SER A 36 -8.91 15.11 -12.08
CA SER A 36 -8.49 16.18 -11.17
C SER A 36 -7.01 16.47 -11.22
N SER A 37 -6.67 17.74 -11.25
CA SER A 37 -5.26 18.10 -11.35
C SER A 37 -4.55 18.16 -10.02
N GLY A 38 -5.27 18.45 -8.94
CA GLY A 38 -4.64 18.65 -7.64
C GLY A 38 -4.04 20.03 -7.45
N LYS A 39 -4.14 20.92 -8.44
CA LYS A 39 -3.40 22.17 -8.40
C LYS A 39 -3.92 23.08 -7.28
N GLN A 40 -5.23 23.10 -7.07
CA GLN A 40 -5.78 23.98 -6.06
C GLN A 40 -5.46 23.48 -4.65
N GLY A 41 -5.39 22.15 -4.45
CA GLY A 41 -4.97 21.63 -3.16
C GLY A 41 -3.51 21.92 -2.88
N TYR A 42 -2.65 21.72 -3.89
CA TYR A 42 -1.26 22.10 -3.76
C TYR A 42 -1.13 23.59 -3.46
N ALA A 43 -1.91 24.42 -4.16
CA ALA A 43 -1.82 25.87 -3.92
C ALA A 43 -2.17 26.21 -2.47
N VAL A 44 -3.19 25.56 -1.92
CA VAL A 44 -3.53 25.77 -0.50
C VAL A 44 -2.40 25.25 0.38
N ALA A 45 -1.78 24.14 0.00
CA ALA A 45 -0.63 23.63 0.73
C ALA A 45 0.53 24.62 0.68
N ARG A 46 0.87 25.12 -0.51
CA ARG A 46 1.96 26.08 -0.66
C ARG A 46 1.71 27.36 0.14
N VAL A 47 0.51 27.94 0.01
CA VAL A 47 0.18 29.15 0.74
C VAL A 47 0.15 28.90 2.25
N LEU A 48 -0.40 27.76 2.68
CA LEU A 48 -0.39 27.42 4.10
C LEU A 48 1.02 27.41 4.64
N ALA A 49 1.93 26.74 3.93
CA ALA A 49 3.33 26.69 4.33
C ALA A 49 3.96 28.07 4.27
N GLN A 50 3.61 28.85 3.25
CA GLN A 50 4.19 30.18 3.15
C GLN A 50 3.80 31.04 4.34
N ARG A 51 2.65 30.78 4.95
CA ARG A 51 2.19 31.60 6.06
C ARG A 51 2.51 30.98 7.41
N GLY A 52 3.42 30.01 7.46
CA GLY A 52 3.96 29.54 8.72
C GLY A 52 3.41 28.23 9.24
N ALA A 53 2.52 27.57 8.52
CA ALA A 53 1.96 26.29 8.95
C ALA A 53 2.94 25.15 8.77
N ASP A 54 2.84 24.16 9.65
CA ASP A 54 3.55 22.90 9.50
C ASP A 54 2.62 22.00 8.70
N VAL A 55 2.93 21.83 7.41
CA VAL A 55 1.98 21.29 6.45
C VAL A 55 2.38 19.86 6.10
N THR A 56 1.39 18.97 6.11
CA THR A 56 1.50 17.63 5.55
C THR A 56 0.54 17.54 4.38
N LEU A 57 1.04 17.07 3.25
CA LEU A 57 0.28 17.03 2.01
C LEU A 57 0.12 15.55 1.63
N ILE A 58 -1.11 15.05 1.70
CA ILE A 58 -1.43 13.71 1.23
C ILE A 58 -1.88 13.84 -0.23
N ALA A 59 -1.12 13.25 -1.14
CA ALA A 59 -1.35 13.48 -2.57
C ALA A 59 -1.67 12.18 -3.28
N GLY A 60 -2.76 12.17 -4.05
CA GLY A 60 -3.04 11.10 -4.97
C GLY A 60 -2.48 11.39 -6.36
N ASN A 61 -3.29 11.27 -7.39
CA ASN A 61 -2.84 11.45 -8.77
C ASN A 61 -2.92 12.92 -9.17
N THR A 62 -1.85 13.42 -9.78
CA THR A 62 -1.75 14.84 -10.08
C THR A 62 -1.17 15.03 -11.48
N ALA A 63 -1.29 16.26 -11.95
CA ALA A 63 -0.78 16.70 -13.25
C ALA A 63 0.73 16.93 -13.27
N GLY A 64 1.55 15.97 -12.84
CA GLY A 64 2.99 16.22 -12.88
C GLY A 64 3.49 17.22 -11.85
N LEU A 65 2.71 17.48 -10.82
CA LEU A 65 3.01 18.56 -9.89
C LEU A 65 4.28 18.25 -9.09
N ILE A 66 5.03 19.28 -8.82
CA ILE A 66 6.25 19.15 -8.04
C ILE A 66 5.88 19.37 -6.59
N ASP A 67 6.56 18.65 -5.72
CA ASP A 67 6.31 18.75 -4.30
C ASP A 67 6.54 20.19 -3.84
N PRO A 68 5.59 20.81 -3.15
CA PRO A 68 5.87 22.14 -2.57
C PRO A 68 7.00 22.05 -1.56
N ALA A 69 7.87 23.07 -1.57
CA ALA A 69 9.01 23.12 -0.65
C ALA A 69 8.53 23.37 0.78
N GLY A 70 9.19 22.70 1.74
CA GLY A 70 8.82 22.84 3.12
C GLY A 70 7.55 22.13 3.52
N VAL A 71 7.00 21.30 2.64
CA VAL A 71 5.77 20.57 2.89
C VAL A 71 6.11 19.08 2.96
N GLU A 72 5.66 18.42 4.02
CA GLU A 72 5.83 16.99 4.15
C GLU A 72 4.92 16.28 3.16
N MET A 73 5.49 15.49 2.28
CA MET A 73 4.71 14.84 1.24
C MET A 73 4.38 13.43 1.69
N VAL A 74 3.12 13.04 1.53
CA VAL A 74 2.70 11.66 1.69
C VAL A 74 1.91 11.31 0.43
N HIS A 75 2.39 10.30 -0.30
CA HIS A 75 1.81 9.92 -1.58
C HIS A 75 0.89 8.72 -1.40
N ILE A 76 -0.29 8.75 -2.03
CA ILE A 76 -1.20 7.62 -1.92
C ILE A 76 -1.79 7.27 -3.28
N GLY A 77 -2.34 6.06 -3.34
CA GLY A 77 -3.02 5.61 -4.54
C GLY A 77 -4.54 5.65 -4.44
N SER A 78 -5.14 4.85 -3.57
CA SER A 78 -6.58 4.68 -3.54
C SER A 78 -7.24 5.56 -2.47
N ALA A 79 -8.59 5.57 -2.49
CA ALA A 79 -9.37 6.26 -1.47
C ALA A 79 -9.11 5.69 -0.08
N THR A 80 -8.99 4.36 0.03
CA THR A 80 -8.74 3.70 1.30
C THR A 80 -7.34 4.00 1.85
N GLN A 81 -6.35 4.06 0.96
CA GLN A 81 -5.02 4.51 1.40
C GLN A 81 -5.06 5.97 1.84
N LEU A 82 -5.82 6.82 1.14
CA LEU A 82 -6.03 8.18 1.62
C LEU A 82 -6.61 8.16 3.03
N ARG A 83 -7.66 7.37 3.24
CA ARG A 83 -8.31 7.30 4.54
C ARG A 83 -7.32 6.96 5.64
N ASP A 84 -6.51 5.91 5.43
CA ASP A 84 -5.54 5.49 6.44
C ASP A 84 -4.48 6.56 6.63
N ALA A 85 -4.07 7.21 5.55
CA ALA A 85 -3.11 8.31 5.65
C ALA A 85 -3.69 9.46 6.46
N VAL A 86 -4.94 9.84 6.18
CA VAL A 86 -5.60 10.89 6.95
C VAL A 86 -5.72 10.49 8.42
N SER A 87 -6.07 9.23 8.67
CA SER A 87 -6.22 8.73 10.03
C SER A 87 -4.87 8.73 10.78
N LYS A 88 -3.80 8.35 10.09
CA LYS A 88 -2.46 8.28 10.68
C LYS A 88 -1.92 9.66 11.04
N HIS A 89 -2.19 10.67 10.21
CA HIS A 89 -1.66 12.02 10.40
C HIS A 89 -2.63 12.93 11.14
N ALA A 90 -3.82 12.43 11.48
CA ALA A 90 -4.88 13.17 12.13
C ALA A 90 -4.63 13.68 13.55
N PRO A 91 -4.02 12.90 14.47
CA PRO A 91 -4.08 13.29 15.90
C PRO A 91 -3.49 14.65 16.26
N ASP A 92 -2.47 15.15 15.57
CA ASP A 92 -1.87 16.42 15.98
C ASP A 92 -2.31 17.59 15.12
N ALA A 93 -3.13 17.35 14.08
CA ALA A 93 -3.43 18.38 13.10
C ALA A 93 -4.46 19.38 13.64
N ASN A 94 -4.31 20.63 13.22
CA ASN A 94 -5.25 21.67 13.59
C ASN A 94 -6.19 22.07 12.47
N VAL A 95 -5.81 21.80 11.23
CA VAL A 95 -6.60 22.14 10.05
C VAL A 95 -6.62 20.92 9.15
N LEU A 96 -7.79 20.50 8.69
CA LEU A 96 -7.91 19.48 7.66
C LEU A 96 -8.51 20.13 6.43
N VAL A 97 -7.79 20.09 5.33
CA VAL A 97 -8.23 20.66 4.06
C VAL A 97 -8.43 19.48 3.11
N MET A 98 -9.67 19.07 2.92
CA MET A 98 -10.02 17.88 2.14
C MET A 98 -10.21 18.29 0.68
N ALA A 99 -9.08 18.50 -0.02
CA ALA A 99 -9.14 18.97 -1.41
C ALA A 99 -9.10 17.84 -2.44
N ALA A 100 -8.92 16.60 -2.00
CA ALA A 100 -8.80 15.50 -2.93
C ALA A 100 -10.18 15.13 -3.49
N ALA A 101 -10.17 14.64 -4.74
CA ALA A 101 -11.35 14.01 -5.30
C ALA A 101 -11.28 12.53 -4.91
N VAL A 102 -11.85 12.19 -3.76
CA VAL A 102 -11.82 10.82 -3.25
C VAL A 102 -12.88 9.99 -3.95
N ALA A 103 -12.48 8.85 -4.49
CA ALA A 103 -13.40 7.94 -5.14
C ALA A 103 -14.50 7.42 -4.20
N ASP A 104 -15.75 7.57 -4.62
CA ASP A 104 -16.87 7.03 -3.84
C ASP A 104 -16.95 5.51 -3.95
N PHE A 105 -16.46 4.94 -5.04
CA PHE A 105 -16.56 3.50 -5.28
C PHE A 105 -15.21 2.95 -5.74
N ARG A 106 -15.04 1.66 -5.52
CA ARG A 106 -13.85 0.92 -5.91
C ARG A 106 -14.31 -0.43 -6.40
N PRO A 107 -13.55 -1.06 -7.29
CA PRO A 107 -13.87 -2.45 -7.64
C PRO A 107 -13.86 -3.32 -6.40
N ALA A 108 -14.86 -4.20 -6.30
CA ALA A 108 -14.92 -5.14 -5.18
C ALA A 108 -13.79 -6.14 -5.26
N HIS A 109 -13.46 -6.61 -6.46
CA HIS A 109 -12.38 -7.56 -6.68
C HIS A 109 -11.24 -6.91 -7.45
N VAL A 110 -10.01 -7.10 -6.96
CA VAL A 110 -8.80 -6.68 -7.64
C VAL A 110 -8.15 -7.92 -8.20
N ALA A 111 -7.90 -7.94 -9.51
CA ALA A 111 -7.32 -9.11 -10.15
C ALA A 111 -5.86 -9.27 -9.76
N ALA A 112 -5.45 -10.53 -9.56
CA ALA A 112 -4.07 -10.79 -9.19
C ALA A 112 -3.12 -10.68 -10.38
N ALA A 113 -3.60 -10.94 -11.59
CA ALA A 113 -2.77 -10.95 -12.78
C ALA A 113 -3.40 -10.06 -13.86
N LYS A 114 -2.71 -9.97 -15.00
CA LYS A 114 -3.25 -9.28 -16.16
C LYS A 114 -4.48 -10.03 -16.67
N ILE A 115 -5.62 -9.33 -16.73
CA ILE A 115 -6.83 -9.92 -17.30
C ILE A 115 -6.56 -10.28 -18.77
N SER A 123 -16.53 -9.29 -19.00
CA SER A 123 -17.46 -9.26 -17.88
C SER A 123 -17.72 -7.83 -17.41
N SER A 124 -18.19 -7.69 -16.18
CA SER A 124 -18.50 -6.41 -15.55
C SER A 124 -17.61 -6.20 -14.32
N ILE A 125 -17.49 -4.95 -13.91
CA ILE A 125 -16.78 -4.62 -12.68
C ILE A 125 -17.84 -4.32 -11.63
N ASP A 126 -17.93 -5.16 -10.60
CA ASP A 126 -18.80 -4.89 -9.45
C ASP A 126 -18.14 -3.86 -8.52
N LEU A 127 -18.93 -2.90 -8.04
CA LEU A 127 -18.42 -1.82 -7.18
C LEU A 127 -18.90 -1.94 -5.74
N VAL A 128 -18.07 -1.40 -4.84
CA VAL A 128 -18.39 -1.26 -3.42
C VAL A 128 -17.98 0.13 -2.99
N ARG A 129 -18.74 0.72 -2.06
CA ARG A 129 -18.48 2.08 -1.61
C ARG A 129 -17.21 2.20 -0.76
N ASN A 130 -16.48 3.29 -0.96
CA ASN A 130 -15.38 3.71 -0.09
C ASN A 130 -15.90 4.59 1.04
N ASP A 131 -15.12 4.65 2.11
CA ASP A 131 -15.47 5.51 3.23
C ASP A 131 -15.39 6.97 2.84
N ASP A 132 -16.30 7.77 3.39
CA ASP A 132 -16.27 9.24 3.28
C ASP A 132 -15.32 9.75 4.34
N VAL A 133 -14.11 10.13 3.93
CA VAL A 133 -13.10 10.54 4.88
C VAL A 133 -13.45 11.88 5.50
N LEU A 134 -13.96 12.82 4.68
CA LEU A 134 -14.29 14.12 5.23
C LEU A 134 -15.33 14.00 6.34
N ALA A 135 -16.36 13.20 6.10
CA ALA A 135 -17.39 13.00 7.10
C ALA A 135 -16.86 12.20 8.28
N GLY A 136 -15.93 11.28 8.04
CA GLY A 136 -15.29 10.60 9.16
C GLY A 136 -14.54 11.58 10.05
N ALA A 137 -13.83 12.52 9.46
CA ALA A 137 -13.15 13.54 10.26
C ALA A 137 -14.16 14.40 10.99
N VAL A 138 -15.24 14.78 10.32
CA VAL A 138 -16.26 15.63 10.97
C VAL A 138 -16.87 14.89 12.16
N ARG A 139 -17.17 13.60 12.01
CA ARG A 139 -17.80 12.86 13.10
C ARG A 139 -16.83 12.63 14.25
N ALA A 140 -15.60 12.24 13.92
CA ALA A 140 -14.59 12.03 14.95
C ALA A 140 -14.43 13.27 15.81
N ARG A 141 -14.41 14.46 15.20
CA ARG A 141 -14.25 15.67 16.01
C ARG A 141 -15.44 15.91 16.93
N ALA A 142 -16.65 15.59 16.48
CA ALA A 142 -17.83 15.83 17.30
C ALA A 142 -17.95 14.85 18.48
N ASP A 143 -17.39 13.65 18.36
CA ASP A 143 -17.42 12.65 19.42
C ASP A 143 -16.22 12.78 20.37
N GLY A 144 -15.39 13.82 20.18
CA GLY A 144 -14.25 14.10 21.03
C GLY A 144 -12.93 13.49 20.64
N GLN A 145 -12.81 12.84 19.47
CA GLN A 145 -11.57 12.16 19.11
C GLN A 145 -10.55 13.04 18.39
N LEU A 146 -10.86 14.28 18.09
CA LEU A 146 -9.88 15.18 17.45
C LEU A 146 -9.91 16.53 18.15
N PRO A 147 -9.58 16.58 19.45
CA PRO A 147 -9.72 17.85 20.18
C PRO A 147 -8.85 18.97 19.62
N ASN A 148 -7.75 18.65 18.95
CA ASN A 148 -6.82 19.62 18.37
C ASN A 148 -7.29 20.16 17.03
N MET A 149 -8.30 19.54 16.43
CA MET A 149 -8.78 19.95 15.11
C MET A 149 -9.63 21.19 15.26
N ARG A 150 -9.23 22.26 14.60
CA ARG A 150 -9.88 23.55 14.72
C ARG A 150 -10.68 23.91 13.48
N ALA A 151 -10.30 23.36 12.33
CA ALA A 151 -10.96 23.69 11.08
C ALA A 151 -10.95 22.46 10.19
N ILE A 152 -12.14 22.04 9.76
CA ILE A 152 -12.30 20.99 8.77
C ILE A 152 -12.90 21.64 7.54
N VAL A 153 -12.16 21.58 6.41
CA VAL A 153 -12.51 22.24 5.17
C VAL A 153 -12.80 21.17 4.11
N GLY A 154 -13.96 21.30 3.47
CA GLY A 154 -14.28 20.44 2.34
C GLY A 154 -14.24 21.15 1.02
N PHE A 155 -14.15 20.40 -0.06
CA PHE A 155 -14.23 20.93 -1.41
C PHE A 155 -15.39 20.28 -2.16
N ALA A 156 -15.95 21.01 -3.12
CA ALA A 156 -17.01 20.45 -3.95
C ALA A 156 -16.93 21.10 -5.33
N ALA A 157 -17.11 20.28 -6.37
CA ALA A 157 -17.33 20.80 -7.71
C ALA A 157 -18.80 20.60 -8.01
N GLU A 158 -19.54 21.69 -8.14
CA GLU A 158 -20.99 21.62 -8.23
C GLU A 158 -21.48 22.23 -9.54
N THR A 159 -22.70 21.86 -9.93
CA THR A 159 -23.31 22.43 -11.12
C THR A 159 -24.82 22.40 -10.97
N GLY A 160 -25.48 23.35 -11.63
CA GLY A 160 -26.92 23.33 -11.71
C GLY A 160 -27.40 22.25 -12.66
N ASP A 161 -28.53 21.65 -12.32
CA ASP A 161 -29.13 20.63 -13.18
C ASP A 161 -30.65 20.67 -12.97
N ALA A 162 -31.33 19.63 -13.46
CA ALA A 162 -32.79 19.52 -13.38
C ALA A 162 -33.31 19.44 -11.96
N ASN A 163 -32.46 19.10 -10.99
CA ASN A 163 -32.88 18.98 -9.60
C ASN A 163 -32.46 20.18 -8.76
N GLY A 164 -31.83 21.18 -9.36
CA GLY A 164 -31.55 22.41 -8.66
C GLY A 164 -30.43 23.18 -9.30
N ASP A 165 -30.36 24.46 -8.94
CA ASP A 165 -29.27 25.30 -9.41
C ASP A 165 -27.99 24.94 -8.66
N VAL A 166 -26.87 25.47 -9.15
CA VAL A 166 -25.57 25.12 -8.59
C VAL A 166 -25.48 25.47 -7.11
N LEU A 167 -25.95 26.66 -6.74
CA LEU A 167 -25.77 27.09 -5.35
C LEU A 167 -26.67 26.31 -4.39
N PHE A 168 -27.87 25.94 -4.82
CA PHE A 168 -28.70 25.05 -4.01
C PHE A 168 -27.95 23.76 -3.70
N HIS A 169 -27.40 23.13 -4.74
CA HIS A 169 -26.65 21.90 -4.54
C HIS A 169 -25.47 22.13 -3.61
N ALA A 170 -24.82 23.29 -3.71
CA ALA A 170 -23.64 23.55 -2.87
C ALA A 170 -24.03 23.69 -1.41
N ARG A 171 -25.11 24.43 -1.14
CA ARG A 171 -25.58 24.59 0.24
C ARG A 171 -25.97 23.25 0.83
N ALA A 172 -26.75 22.47 0.07
CA ALA A 172 -27.15 21.16 0.54
C ALA A 172 -25.92 20.31 0.85
N LYS A 173 -24.86 20.44 0.04
CA LYS A 173 -23.66 19.66 0.30
C LYS A 173 -22.98 20.13 1.57
N LEU A 174 -22.93 21.44 1.78
CA LEU A 174 -22.35 21.95 3.02
C LEU A 174 -23.15 21.44 4.22
N GLU A 175 -24.47 21.55 4.15
CA GLU A 175 -25.31 21.11 5.25
C GLU A 175 -25.11 19.62 5.52
N ARG A 176 -24.94 18.83 4.47
CA ARG A 176 -24.88 17.40 4.67
C ARG A 176 -23.52 16.97 5.23
N LYS A 177 -22.44 17.62 4.79
CA LYS A 177 -21.12 17.25 5.26
C LYS A 177 -20.83 17.76 6.66
N GLY A 178 -21.40 18.91 7.01
CA GLY A 178 -21.15 19.46 8.33
C GLY A 178 -19.77 20.06 8.55
N CYS A 179 -18.98 20.25 7.51
CA CYS A 179 -17.66 20.79 7.73
C CYS A 179 -17.76 22.28 8.06
N ASP A 180 -16.64 22.86 8.53
CA ASP A 180 -16.69 24.28 8.91
C ASP A 180 -16.73 25.17 7.69
N LEU A 181 -16.11 24.73 6.59
CA LEU A 181 -16.02 25.51 5.37
C LEU A 181 -16.13 24.58 4.17
N LEU A 182 -16.93 24.99 3.19
CA LEU A 182 -17.05 24.27 1.93
C LEU A 182 -16.60 25.22 0.83
N VAL A 183 -15.47 24.91 0.21
CA VAL A 183 -14.95 25.67 -0.92
C VAL A 183 -15.61 25.09 -2.15
N VAL A 184 -16.41 25.89 -2.83
CA VAL A 184 -17.24 25.43 -3.94
C VAL A 184 -16.63 25.94 -5.24
N ASN A 185 -16.45 25.03 -6.18
CA ASN A 185 -16.08 25.39 -7.53
C ASN A 185 -17.33 25.19 -8.38
N ALA A 186 -17.87 26.29 -8.91
CA ALA A 186 -19.01 26.21 -9.80
C ALA A 186 -18.53 25.80 -11.18
N VAL A 187 -18.82 24.58 -11.58
CA VAL A 187 -18.35 24.06 -12.86
C VAL A 187 -19.34 24.37 -13.98
N ASN A 198 -17.87 30.55 -13.70
CA ASN A 198 -16.43 30.79 -13.58
C ASN A 198 -16.06 31.13 -12.16
N ASP A 199 -16.93 31.83 -11.46
CA ASP A 199 -16.73 32.12 -10.05
C ASP A 199 -17.32 31.00 -9.21
N GLY A 200 -16.82 30.88 -7.99
CA GLY A 200 -17.25 29.86 -7.06
C GLY A 200 -17.65 30.49 -5.73
N TRP A 201 -17.59 29.69 -4.67
CA TRP A 201 -18.14 30.14 -3.41
C TRP A 201 -17.32 29.59 -2.25
N LEU A 202 -17.34 30.32 -1.14
CA LEU A 202 -16.90 29.84 0.16
C LEU A 202 -18.11 29.84 1.07
N LEU A 203 -18.57 28.66 1.44
CA LEU A 203 -19.73 28.54 2.32
C LEU A 203 -19.26 28.22 3.73
N SER A 204 -19.56 29.10 4.68
CA SER A 204 -19.21 28.85 6.07
C SER A 204 -20.35 28.15 6.80
N ALA A 205 -20.00 27.44 7.86
CA ALA A 205 -21.01 26.75 8.66
C ALA A 205 -21.82 27.70 9.52
N ASP A 206 -21.47 28.98 9.58
CA ASP A 206 -22.34 29.93 10.25
C ASP A 206 -23.29 30.62 9.27
N GLY A 207 -23.33 30.17 8.03
CA GLY A 207 -24.23 30.72 7.05
C GLY A 207 -23.58 31.70 6.09
N THR A 208 -22.43 32.24 6.47
CA THR A 208 -21.70 33.14 5.60
C THR A 208 -21.42 32.49 4.25
N GLU A 209 -21.58 33.28 3.19
CA GLU A 209 -21.28 32.88 1.82
C GLU A 209 -20.52 34.01 1.16
N SER A 210 -19.30 33.76 0.74
CA SER A 210 -18.52 34.73 -0.01
C SER A 210 -18.29 34.22 -1.43
N ALA A 211 -18.41 35.10 -2.40
CA ALA A 211 -18.06 34.72 -3.76
C ALA A 211 -16.55 34.56 -3.83
N LEU A 212 -16.10 33.58 -4.60
CA LEU A 212 -14.69 33.37 -4.86
C LEU A 212 -14.44 33.79 -6.30
N GLU A 213 -13.83 34.96 -6.50
CA GLU A 213 -13.66 35.44 -7.87
C GLU A 213 -12.63 34.58 -8.59
N HIS A 214 -12.76 34.50 -9.92
CA HIS A 214 -11.85 33.69 -10.72
C HIS A 214 -10.53 34.43 -10.94
N GLY A 215 -9.44 33.80 -10.55
CA GLY A 215 -8.10 34.33 -10.73
C GLY A 215 -7.10 33.20 -10.79
N SER A 216 -5.84 33.49 -10.50
CA SER A 216 -4.85 32.42 -10.50
C SER A 216 -5.10 31.48 -9.32
N LYS A 217 -4.51 30.28 -9.44
CA LYS A 217 -4.60 29.29 -8.39
C LYS A 217 -4.01 29.79 -7.07
N THR A 218 -2.99 30.65 -7.12
CA THR A 218 -2.38 31.17 -5.88
C THR A 218 -3.31 32.15 -5.17
N LEU A 219 -3.90 33.10 -5.91
CA LEU A 219 -4.74 34.14 -5.30
C LEU A 219 -6.01 33.57 -4.73
N MET A 220 -6.61 32.58 -5.40
CA MET A 220 -7.77 31.91 -4.84
C MET A 220 -7.40 31.10 -3.60
N ALA A 221 -6.18 30.52 -3.59
CA ALA A 221 -5.67 29.87 -2.39
C ALA A 221 -5.51 30.87 -1.24
N THR A 222 -5.06 32.08 -1.53
CA THR A 222 -4.97 33.11 -0.49
C THR A 222 -6.33 33.41 0.10
N ARG A 223 -7.36 33.50 -0.73
CA ARG A 223 -8.69 33.77 -0.20
C ARG A 223 -9.17 32.60 0.65
N ILE A 224 -8.84 31.36 0.25
CA ILE A 224 -9.21 30.18 1.01
C ILE A 224 -8.51 30.17 2.37
N VAL A 225 -7.20 30.40 2.37
CA VAL A 225 -6.45 30.39 3.63
C VAL A 225 -6.86 31.56 4.51
N ASP A 226 -7.11 32.74 3.92
CA ASP A 226 -7.64 33.87 4.66
C ASP A 226 -8.91 33.48 5.41
N SER A 227 -9.80 32.74 4.75
CA SER A 227 -11.03 32.30 5.40
C SER A 227 -10.74 31.34 6.54
N ILE A 228 -9.77 30.43 6.35
CA ILE A 228 -9.38 29.52 7.43
C ILE A 228 -8.87 30.31 8.64
N ALA A 229 -7.94 31.24 8.40
CA ALA A 229 -7.42 32.05 9.49
C ALA A 229 -8.54 32.82 10.19
N ALA A 230 -9.52 33.32 9.41
CA ALA A 230 -10.65 34.03 9.99
C ALA A 230 -11.50 33.12 10.86
N PHE A 231 -11.63 31.85 10.48
CA PHE A 231 -12.44 30.92 11.27
C PHE A 231 -11.75 30.57 12.58
N LEU A 232 -10.43 30.38 12.55
CA LEU A 232 -9.70 30.02 13.76
C LEU A 232 -9.78 31.12 14.81
N LYS A 233 -9.77 32.39 14.38
CA LYS A 233 -9.82 33.49 15.34
C LYS A 233 -11.20 33.64 15.96
N SER A 234 -12.25 33.45 15.17
CA SER A 234 -13.61 33.52 15.71
C SER A 234 -13.81 32.47 16.81
N GLN A 235 -13.23 31.29 16.63
CA GLN A 235 -13.30 30.24 17.64
C GLN A 235 -12.23 30.47 18.69
N HIS B 7 24.89 7.62 -38.83
CA HIS B 7 24.37 8.55 -39.81
C HIS B 7 22.92 8.91 -39.51
N HIS B 8 22.17 9.26 -40.56
CA HIS B 8 20.75 9.60 -40.46
C HIS B 8 19.94 8.57 -41.24
N ASP B 9 19.93 7.32 -40.75
CA ASP B 9 19.36 6.23 -41.51
C ASP B 9 17.85 6.35 -41.72
N MET B 10 17.11 7.07 -40.89
CA MET B 10 15.66 7.14 -41.10
C MET B 10 15.24 8.35 -41.93
N ALA B 11 16.17 8.96 -42.68
CA ALA B 11 15.83 10.06 -43.59
C ALA B 11 14.85 9.58 -44.65
N GLY B 12 13.79 10.37 -44.87
CA GLY B 12 12.81 10.02 -45.86
C GLY B 12 11.73 9.09 -45.36
N VAL B 13 11.87 8.54 -44.16
CA VAL B 13 10.86 7.66 -43.59
C VAL B 13 9.77 8.50 -42.91
N LYS B 14 8.52 8.22 -43.24
CA LYS B 14 7.36 8.80 -42.58
C LYS B 14 6.93 7.88 -41.44
N ALA B 15 6.94 8.38 -40.20
CA ALA B 15 6.69 7.53 -39.04
C ALA B 15 5.51 8.03 -38.21
N LEU B 16 4.58 7.13 -37.94
CA LEU B 16 3.39 7.42 -37.15
C LEU B 16 3.47 6.62 -35.86
N VAL B 17 3.51 7.34 -34.74
CA VAL B 17 3.83 6.77 -33.44
C VAL B 17 2.65 7.05 -32.52
N THR B 18 2.21 6.02 -31.79
CA THR B 18 1.24 6.18 -30.73
C THR B 18 1.93 5.97 -29.39
N ALA B 19 1.50 6.74 -28.39
CA ALA B 19 2.20 6.72 -27.12
C ALA B 19 1.25 7.07 -26.00
N GLY B 20 1.51 6.51 -24.82
CA GLY B 20 0.71 6.76 -23.66
C GLY B 20 -0.46 5.82 -23.56
N GLY B 21 -1.19 5.95 -22.47
CA GLY B 21 -2.38 5.19 -22.23
C GLY B 21 -3.60 6.00 -22.59
N THR B 22 -4.70 5.29 -22.89
CA THR B 22 -6.01 5.88 -23.13
C THR B 22 -6.85 5.83 -21.86
N ARG B 23 -7.85 6.69 -21.79
CA ARG B 23 -8.80 6.75 -20.67
C ARG B 23 -10.21 6.58 -21.22
N GLU B 24 -10.92 5.60 -20.70
CA GLU B 24 -12.24 5.24 -21.21
C GLU B 24 -13.32 5.86 -20.35
N PRO B 25 -13.99 6.93 -20.79
CA PRO B 25 -14.86 7.67 -19.88
C PRO B 25 -16.03 6.86 -19.33
N LEU B 26 -16.25 7.01 -18.02
CA LEU B 26 -17.47 6.64 -17.32
C LEU B 26 -18.46 7.78 -17.29
N ASP B 27 -17.96 8.99 -17.34
CA ASP B 27 -18.75 10.21 -17.33
C ASP B 27 -17.73 11.32 -17.63
N PRO B 28 -18.08 12.61 -17.52
CA PRO B 28 -17.09 13.65 -17.88
C PRO B 28 -15.84 13.65 -17.02
N VAL B 29 -15.89 13.07 -15.83
CA VAL B 29 -14.84 13.24 -14.82
C VAL B 29 -14.07 11.94 -14.58
N ARG B 30 -14.76 10.81 -14.56
CA ARG B 30 -14.18 9.51 -14.22
C ARG B 30 -13.89 8.72 -15.49
N PHE B 31 -13.03 7.72 -15.37
CA PHE B 31 -12.59 6.97 -16.53
C PHE B 31 -11.92 5.70 -16.03
N ILE B 32 -11.71 4.76 -16.95
CA ILE B 32 -10.83 3.61 -16.73
C ILE B 32 -9.48 3.98 -17.30
N GLY B 33 -8.43 3.83 -16.53
CA GLY B 33 -7.10 4.16 -17.01
C GLY B 33 -6.08 3.15 -16.56
N ASN B 34 -4.87 3.31 -17.07
CA ASN B 34 -3.75 2.46 -16.72
C ASN B 34 -2.59 3.36 -16.31
N ARG B 35 -1.51 2.74 -15.84
CA ARG B 35 -0.38 3.45 -15.22
C ARG B 35 0.74 3.79 -16.20
N SER B 36 0.49 3.73 -17.52
CA SER B 36 1.54 3.97 -18.51
C SER B 36 1.95 5.43 -18.51
N SER B 37 3.26 5.67 -18.52
CA SER B 37 3.67 7.07 -18.48
C SER B 37 3.65 7.70 -19.85
N GLY B 38 3.85 6.89 -20.90
CA GLY B 38 4.07 7.31 -22.27
C GLY B 38 5.51 7.66 -22.61
N LYS B 39 6.43 7.54 -21.64
CA LYS B 39 7.78 8.07 -21.87
C LYS B 39 8.58 7.23 -22.87
N GLN B 40 8.39 5.90 -22.87
CA GLN B 40 9.14 5.07 -23.81
C GLN B 40 8.67 5.30 -25.23
N GLY B 41 7.38 5.61 -25.41
CA GLY B 41 6.89 5.94 -26.74
C GLY B 41 7.41 7.27 -27.24
N TYR B 42 7.43 8.29 -26.38
CA TYR B 42 8.06 9.56 -26.74
C TYR B 42 9.53 9.35 -27.12
N ALA B 43 10.24 8.50 -26.35
CA ALA B 43 11.66 8.29 -26.59
C ALA B 43 11.91 7.70 -27.97
N VAL B 44 11.07 6.76 -28.40
CA VAL B 44 11.22 6.21 -29.74
C VAL B 44 10.96 7.27 -30.80
N ALA B 45 9.94 8.11 -30.60
CA ALA B 45 9.65 9.18 -31.55
C ALA B 45 10.80 10.16 -31.66
N ARG B 46 11.30 10.62 -30.51
CA ARG B 46 12.37 11.61 -30.51
C ARG B 46 13.60 11.06 -31.23
N VAL B 47 13.94 9.80 -30.95
CA VAL B 47 15.06 9.13 -31.60
C VAL B 47 14.83 8.99 -33.10
N LEU B 48 13.62 8.59 -33.50
CA LEU B 48 13.27 8.56 -34.91
C LEU B 48 13.48 9.93 -35.53
N ALA B 49 12.92 10.96 -34.89
CA ALA B 49 13.08 12.31 -35.39
C ALA B 49 14.55 12.70 -35.43
N GLN B 50 15.31 12.35 -34.40
CA GLN B 50 16.73 12.71 -34.39
C GLN B 50 17.48 12.07 -35.54
N ARG B 51 17.01 10.90 -36.01
CA ARG B 51 17.69 10.16 -37.06
C ARG B 51 17.08 10.40 -38.44
N GLY B 52 16.27 11.46 -38.59
CA GLY B 52 15.84 11.91 -39.90
C GLY B 52 14.42 11.58 -40.33
N ALA B 53 13.63 10.91 -39.49
CA ALA B 53 12.25 10.57 -39.83
C ALA B 53 11.34 11.79 -39.76
N ASP B 54 10.30 11.78 -40.59
CA ASP B 54 9.23 12.76 -40.46
C ASP B 54 8.19 12.11 -39.54
N VAL B 55 8.12 12.55 -38.30
CA VAL B 55 7.42 11.82 -37.24
C VAL B 55 6.12 12.52 -36.88
N THR B 56 5.04 11.75 -36.85
CA THR B 56 3.76 12.20 -36.31
C THR B 56 3.46 11.38 -35.08
N LEU B 57 3.13 12.06 -33.98
CA LEU B 57 3.01 11.45 -32.65
C LEU B 57 1.57 11.54 -32.17
N ILE B 58 0.88 10.41 -32.10
CA ILE B 58 -0.45 10.39 -31.51
C ILE B 58 -0.30 10.05 -30.04
N ALA B 59 -0.67 10.98 -29.16
CA ALA B 59 -0.37 10.89 -27.73
C ALA B 59 -1.64 10.72 -26.94
N GLY B 60 -1.63 9.77 -26.01
CA GLY B 60 -2.71 9.59 -25.07
C GLY B 60 -2.53 10.42 -23.81
N ASN B 61 -2.55 9.77 -22.66
CA ASN B 61 -2.54 10.44 -21.36
C ASN B 61 -1.11 10.82 -20.98
N THR B 62 -0.64 11.91 -21.58
CA THR B 62 0.76 12.33 -21.46
C THR B 62 0.87 13.84 -21.27
N ALA B 63 -0.07 14.42 -20.53
CA ALA B 63 -0.18 15.88 -20.47
C ALA B 63 1.07 16.53 -19.89
N GLY B 64 1.69 15.94 -18.88
CA GLY B 64 2.88 16.64 -18.42
C GLY B 64 4.17 16.34 -19.17
N LEU B 65 4.12 15.53 -20.23
CA LEU B 65 5.31 15.24 -21.04
C LEU B 65 5.57 16.33 -22.06
N ILE B 66 6.80 16.48 -22.41
CA ILE B 66 7.19 17.50 -23.36
C ILE B 66 7.13 16.93 -24.77
N ASP B 67 6.60 17.73 -25.68
CA ASP B 67 6.53 17.32 -27.08
C ASP B 67 7.93 17.14 -27.63
N PRO B 68 8.23 16.03 -28.27
CA PRO B 68 9.55 15.87 -28.89
C PRO B 68 9.75 16.91 -29.97
N ALA B 69 10.97 17.44 -30.05
CA ALA B 69 11.27 18.47 -31.04
C ALA B 69 11.18 17.89 -32.45
N GLY B 70 10.58 18.67 -33.37
CA GLY B 70 10.41 18.25 -34.75
C GLY B 70 9.31 17.25 -35.03
N VAL B 71 8.38 17.02 -34.10
CA VAL B 71 7.37 15.98 -34.20
C VAL B 71 5.98 16.61 -34.28
N GLU B 72 5.18 16.20 -35.26
CA GLU B 72 3.79 16.67 -35.37
C GLU B 72 2.94 15.99 -34.29
N MET B 73 2.28 16.77 -33.42
CA MET B 73 1.52 16.22 -32.30
C MET B 73 0.04 16.04 -32.63
N VAL B 74 -0.51 14.90 -32.27
CA VAL B 74 -1.95 14.65 -32.33
C VAL B 74 -2.39 14.12 -30.98
N HIS B 75 -3.37 14.79 -30.38
CA HIS B 75 -3.83 14.45 -29.04
C HIS B 75 -5.13 13.68 -29.10
N ILE B 76 -5.23 12.61 -28.28
CA ILE B 76 -6.46 11.83 -28.15
C ILE B 76 -6.68 11.46 -26.69
N GLY B 77 -7.93 11.04 -26.40
CA GLY B 77 -8.32 10.60 -25.08
C GLY B 77 -8.55 9.12 -24.92
N SER B 78 -9.54 8.57 -25.62
CA SER B 78 -9.97 7.20 -25.46
C SER B 78 -9.32 6.30 -26.51
N ALA B 79 -9.49 4.99 -26.34
CA ALA B 79 -8.97 4.05 -27.32
C ALA B 79 -9.63 4.27 -28.67
N THR B 80 -10.92 4.62 -28.67
CA THR B 80 -11.67 4.86 -29.90
C THR B 80 -11.14 6.09 -30.63
N GLN B 81 -10.82 7.16 -29.90
CA GLN B 81 -10.25 8.32 -30.59
C GLN B 81 -8.88 8.01 -31.15
N LEU B 82 -8.09 7.19 -30.44
CA LEU B 82 -6.84 6.67 -30.98
C LEU B 82 -7.08 5.94 -32.29
N ARG B 83 -8.11 5.07 -32.32
CA ARG B 83 -8.46 4.35 -33.53
C ARG B 83 -8.70 5.32 -34.69
N ASP B 84 -9.51 6.36 -34.45
CA ASP B 84 -9.83 7.30 -35.52
C ASP B 84 -8.62 8.11 -35.95
N ALA B 85 -7.75 8.47 -35.00
CA ALA B 85 -6.53 9.18 -35.36
C ALA B 85 -5.62 8.29 -36.22
N VAL B 86 -5.49 7.02 -35.86
CA VAL B 86 -4.69 6.10 -36.67
C VAL B 86 -5.28 5.93 -38.07
N SER B 87 -6.61 5.84 -38.18
CA SER B 87 -7.24 5.75 -39.50
C SER B 87 -6.95 6.98 -40.35
N LYS B 88 -6.93 8.15 -39.72
CA LYS B 88 -6.70 9.37 -40.47
C LYS B 88 -5.26 9.48 -40.94
N HIS B 89 -4.29 9.16 -40.07
CA HIS B 89 -2.88 9.44 -40.37
C HIS B 89 -2.12 8.26 -40.94
N ALA B 90 -2.71 7.06 -40.97
CA ALA B 90 -1.99 5.89 -41.50
C ALA B 90 -1.61 6.02 -42.96
N PRO B 91 -2.43 6.58 -43.87
CA PRO B 91 -2.01 6.69 -45.27
C PRO B 91 -0.71 7.47 -45.51
N ASP B 92 -0.23 8.28 -44.54
CA ASP B 92 0.99 9.05 -44.75
C ASP B 92 2.23 8.37 -44.21
N ALA B 93 2.09 7.30 -43.43
CA ALA B 93 3.20 6.65 -42.75
C ALA B 93 3.83 5.54 -43.59
N ASN B 94 5.14 5.34 -43.36
CA ASN B 94 5.87 4.19 -43.86
C ASN B 94 6.11 3.15 -42.78
N VAL B 95 6.07 3.58 -41.51
CA VAL B 95 6.30 2.73 -40.35
C VAL B 95 5.22 3.07 -39.35
N LEU B 96 4.56 2.06 -38.80
CA LEU B 96 3.59 2.30 -37.72
C LEU B 96 4.16 1.72 -36.42
N VAL B 97 4.35 2.61 -35.42
CA VAL B 97 4.93 2.24 -34.13
C VAL B 97 3.84 2.39 -33.08
N MET B 98 3.22 1.26 -32.71
CA MET B 98 2.08 1.20 -31.81
C MET B 98 2.56 1.01 -30.37
N ALA B 99 3.07 2.09 -29.79
CA ALA B 99 3.63 2.02 -28.45
C ALA B 99 2.61 2.35 -27.39
N ALA B 100 1.40 2.70 -27.78
CA ALA B 100 0.42 3.13 -26.80
C ALA B 100 -0.12 1.96 -25.99
N ALA B 101 -0.43 2.25 -24.73
CA ALA B 101 -1.12 1.31 -23.85
C ALA B 101 -2.62 1.48 -24.08
N VAL B 102 -3.16 0.72 -25.03
CA VAL B 102 -4.57 0.85 -25.42
C VAL B 102 -5.45 0.09 -24.45
N ALA B 103 -6.47 0.75 -23.92
CA ALA B 103 -7.46 0.07 -23.08
C ALA B 103 -8.13 -1.06 -23.85
N ASP B 104 -8.16 -2.26 -23.26
CA ASP B 104 -8.82 -3.36 -23.93
C ASP B 104 -10.33 -3.24 -23.88
N PHE B 105 -10.87 -2.60 -22.84
CA PHE B 105 -12.31 -2.54 -22.63
C PHE B 105 -12.69 -1.11 -22.29
N ARG B 106 -13.97 -0.79 -22.55
CA ARG B 106 -14.55 0.52 -22.38
C ARG B 106 -15.87 0.33 -21.68
N PRO B 107 -16.26 1.24 -20.79
CA PRO B 107 -17.60 1.15 -20.20
C PRO B 107 -18.67 1.20 -21.29
N ALA B 108 -19.68 0.36 -21.15
CA ALA B 108 -20.74 0.29 -22.14
C ALA B 108 -21.56 1.58 -22.22
N HIS B 109 -21.90 2.18 -21.09
CA HIS B 109 -22.66 3.43 -21.09
C HIS B 109 -21.82 4.55 -20.49
N VAL B 110 -21.81 5.70 -21.16
CA VAL B 110 -21.15 6.90 -20.67
C VAL B 110 -22.23 7.86 -20.18
N ALA B 111 -22.17 8.19 -18.89
CA ALA B 111 -23.16 9.09 -18.32
C ALA B 111 -22.91 10.52 -18.81
N ALA B 112 -24.02 11.23 -19.07
CA ALA B 112 -23.93 12.63 -19.48
C ALA B 112 -23.47 13.53 -18.33
N ALA B 113 -23.66 13.09 -17.09
CA ALA B 113 -23.31 13.86 -15.92
C ALA B 113 -22.50 13.00 -14.97
N LYS B 114 -21.87 13.64 -13.99
CA LYS B 114 -21.16 12.92 -12.94
C LYS B 114 -22.12 11.98 -12.21
N ILE B 115 -21.73 10.71 -12.09
CA ILE B 115 -22.55 9.69 -11.43
C ILE B 115 -22.56 9.95 -9.93
N LYS B 116 -23.71 10.37 -9.39
CA LYS B 116 -23.76 10.73 -7.99
C LYS B 116 -23.70 9.50 -7.10
N LYS B 117 -23.08 9.67 -5.92
CA LYS B 117 -23.12 8.69 -4.85
C LYS B 117 -24.46 8.82 -4.14
N GLY B 118 -25.36 7.87 -4.39
CA GLY B 118 -26.68 7.92 -3.82
C GLY B 118 -26.82 7.18 -2.49
N ALA B 119 -27.75 6.22 -2.46
CA ALA B 119 -28.06 5.47 -1.24
C ALA B 119 -28.31 4.00 -1.47
N SER B 120 -28.85 3.59 -2.62
CA SER B 120 -29.01 2.17 -2.95
C SER B 120 -27.67 1.57 -3.37
N GLU B 121 -27.69 0.29 -3.72
CA GLU B 121 -26.46 -0.43 -4.02
C GLU B 121 -25.83 0.11 -5.31
N PRO B 122 -24.51 0.32 -5.33
CA PRO B 122 -23.88 0.83 -6.56
C PRO B 122 -23.96 -0.24 -7.64
N SER B 123 -24.34 0.18 -8.83
CA SER B 123 -24.48 -0.76 -9.93
C SER B 123 -23.10 -1.30 -10.31
N SER B 124 -23.03 -1.91 -11.48
CA SER B 124 -21.77 -2.45 -11.98
C SER B 124 -21.40 -1.68 -13.24
N ILE B 125 -20.13 -1.75 -13.59
CA ILE B 125 -19.67 -1.12 -14.82
C ILE B 125 -19.65 -2.20 -15.87
N ASP B 126 -20.52 -2.02 -16.86
CA ASP B 126 -20.55 -2.88 -18.03
C ASP B 126 -19.41 -2.47 -18.93
N LEU B 127 -18.65 -3.45 -19.39
CA LEU B 127 -17.52 -3.18 -20.27
C LEU B 127 -17.84 -3.68 -21.67
N VAL B 128 -17.23 -3.04 -22.66
CA VAL B 128 -17.32 -3.50 -24.05
C VAL B 128 -15.91 -3.41 -24.62
N ARG B 129 -15.54 -4.40 -25.42
CA ARG B 129 -14.19 -4.44 -25.92
C ARG B 129 -13.98 -3.32 -26.93
N ASN B 130 -12.80 -2.73 -26.89
CA ASN B 130 -12.39 -1.79 -27.91
C ASN B 130 -11.77 -2.56 -29.07
N ASP B 131 -11.81 -1.95 -30.24
CA ASP B 131 -11.18 -2.56 -31.40
C ASP B 131 -9.67 -2.65 -31.19
N ASP B 132 -9.08 -3.68 -31.77
CA ASP B 132 -7.63 -3.83 -31.80
C ASP B 132 -7.11 -2.96 -32.93
N VAL B 133 -6.59 -1.77 -32.57
CA VAL B 133 -6.14 -0.81 -33.57
C VAL B 133 -4.96 -1.36 -34.36
N LEU B 134 -3.97 -1.93 -33.65
CA LEU B 134 -2.83 -2.51 -34.33
C LEU B 134 -3.28 -3.59 -35.30
N ALA B 135 -4.21 -4.44 -34.87
CA ALA B 135 -4.71 -5.49 -35.74
C ALA B 135 -5.55 -4.92 -36.89
N GLY B 136 -6.28 -3.83 -36.64
CA GLY B 136 -6.96 -3.15 -37.73
C GLY B 136 -5.99 -2.66 -38.80
N ALA B 137 -4.83 -2.13 -38.37
CA ALA B 137 -3.80 -1.71 -39.32
C ALA B 137 -3.22 -2.89 -40.10
N VAL B 138 -2.96 -4.02 -39.43
CA VAL B 138 -2.43 -5.19 -40.12
C VAL B 138 -3.41 -5.67 -41.18
N ARG B 139 -4.70 -5.64 -40.87
CA ARG B 139 -5.70 -6.08 -41.85
C ARG B 139 -5.80 -5.10 -43.02
N ALA B 140 -5.80 -3.80 -42.74
CA ALA B 140 -5.82 -2.79 -43.80
C ALA B 140 -4.64 -2.96 -44.76
N ARG B 141 -3.43 -3.20 -44.23
CA ARG B 141 -2.29 -3.36 -45.14
C ARG B 141 -2.46 -4.61 -45.99
N ALA B 142 -3.06 -5.65 -45.43
CA ALA B 142 -3.26 -6.89 -46.18
C ALA B 142 -4.30 -6.74 -47.28
N ASP B 143 -5.26 -5.82 -47.12
CA ASP B 143 -6.33 -5.58 -48.08
C ASP B 143 -5.99 -4.49 -49.10
N GLY B 144 -4.77 -3.98 -49.10
CA GLY B 144 -4.34 -3.02 -50.10
C GLY B 144 -4.62 -1.57 -49.76
N GLN B 145 -5.12 -1.27 -48.58
CA GLN B 145 -5.47 0.11 -48.26
C GLN B 145 -4.29 0.91 -47.71
N LEU B 146 -3.14 0.27 -47.47
CA LEU B 146 -1.97 0.96 -46.94
C LEU B 146 -0.73 0.65 -47.78
N PRO B 147 -0.73 1.04 -49.06
CA PRO B 147 0.41 0.68 -49.93
C PRO B 147 1.74 1.24 -49.46
N ASN B 148 1.75 2.34 -48.70
CA ASN B 148 3.01 2.90 -48.17
C ASN B 148 3.53 2.18 -46.93
N MET B 149 2.73 1.30 -46.30
CA MET B 149 3.12 0.77 -45.00
C MET B 149 4.17 -0.32 -45.16
N ARG B 150 5.35 -0.07 -44.57
CA ARG B 150 6.57 -0.87 -44.69
C ARG B 150 6.92 -1.66 -43.44
N ALA B 151 6.49 -1.19 -42.27
CA ALA B 151 6.82 -1.88 -41.04
C ALA B 151 5.73 -1.57 -40.03
N ILE B 152 5.12 -2.59 -39.45
CA ILE B 152 4.14 -2.41 -38.38
C ILE B 152 4.74 -2.96 -37.10
N VAL B 153 4.86 -2.09 -36.09
CA VAL B 153 5.56 -2.36 -34.84
C VAL B 153 4.58 -2.34 -33.67
N GLY B 154 4.53 -3.43 -32.91
CA GLY B 154 3.74 -3.47 -31.69
C GLY B 154 4.56 -3.54 -30.42
N PHE B 155 3.98 -3.15 -29.28
CA PHE B 155 4.65 -3.25 -27.99
C PHE B 155 3.83 -4.13 -27.06
N ALA B 156 4.51 -4.87 -26.20
CA ALA B 156 3.77 -5.68 -25.25
C ALA B 156 4.56 -5.80 -23.96
N ALA B 157 3.81 -5.79 -22.86
CA ALA B 157 4.32 -6.13 -21.55
C ALA B 157 3.88 -7.56 -21.31
N GLU B 158 4.85 -8.45 -21.15
CA GLU B 158 4.61 -9.86 -21.01
C GLU B 158 5.31 -10.33 -19.74
N THR B 159 4.60 -11.14 -18.98
CA THR B 159 5.11 -11.80 -17.79
C THR B 159 5.16 -13.30 -18.04
N GLY B 160 5.66 -14.02 -17.06
CA GLY B 160 5.60 -15.46 -17.08
C GLY B 160 4.66 -15.98 -16.00
N ASP B 161 3.53 -16.55 -16.42
CA ASP B 161 2.47 -17.03 -15.54
C ASP B 161 2.51 -18.56 -15.45
N ALA B 162 1.36 -19.17 -15.14
CA ALA B 162 1.28 -20.61 -15.03
C ALA B 162 1.25 -21.32 -16.38
N ASN B 163 1.03 -20.61 -17.50
CA ASN B 163 0.88 -21.24 -18.81
C ASN B 163 1.96 -20.80 -19.79
N GLY B 164 3.11 -20.37 -19.30
CA GLY B 164 4.27 -20.14 -20.14
C GLY B 164 5.10 -18.98 -19.63
N ASP B 165 6.37 -18.96 -20.04
CA ASP B 165 7.29 -17.86 -19.73
C ASP B 165 7.05 -16.69 -20.67
N VAL B 166 7.80 -15.60 -20.45
CA VAL B 166 7.63 -14.38 -21.23
C VAL B 166 7.74 -14.67 -22.73
N LEU B 167 8.73 -15.48 -23.11
CA LEU B 167 9.00 -15.73 -24.52
C LEU B 167 7.92 -16.56 -25.19
N PHE B 168 7.31 -17.49 -24.47
CA PHE B 168 6.18 -18.23 -25.00
C PHE B 168 5.03 -17.29 -25.34
N HIS B 169 4.58 -16.52 -24.36
CA HIS B 169 3.46 -15.62 -24.54
C HIS B 169 3.75 -14.56 -25.58
N ALA B 170 5.01 -14.11 -25.66
CA ALA B 170 5.38 -13.05 -26.60
C ALA B 170 5.39 -13.56 -28.04
N ARG B 171 5.93 -14.76 -28.26
CA ARG B 171 5.90 -15.35 -29.60
C ARG B 171 4.46 -15.56 -30.05
N ALA B 172 3.63 -16.08 -29.15
CA ALA B 172 2.22 -16.25 -29.47
C ALA B 172 1.57 -14.91 -29.83
N LYS B 173 1.97 -13.84 -29.13
CA LYS B 173 1.39 -12.52 -29.42
C LYS B 173 1.81 -12.00 -30.78
N LEU B 174 3.09 -12.15 -31.13
CA LEU B 174 3.57 -11.68 -32.42
C LEU B 174 2.89 -12.44 -33.57
N GLU B 175 2.84 -13.76 -33.46
CA GLU B 175 2.17 -14.59 -34.47
C GLU B 175 0.71 -14.19 -34.59
N ARG B 176 0.06 -13.89 -33.47
CA ARG B 176 -1.35 -13.55 -33.48
C ARG B 176 -1.60 -12.13 -34.00
N LYS B 177 -0.75 -11.16 -33.64
CA LYS B 177 -1.04 -9.78 -34.05
C LYS B 177 -0.77 -9.56 -35.53
N GLY B 178 0.20 -10.30 -36.09
CA GLY B 178 0.56 -10.15 -37.49
C GLY B 178 1.43 -8.95 -37.79
N CYS B 179 1.93 -8.24 -36.78
CA CYS B 179 2.82 -7.11 -37.06
C CYS B 179 4.21 -7.62 -37.43
N ASP B 180 5.03 -6.71 -37.96
CA ASP B 180 6.35 -7.08 -38.44
C ASP B 180 7.36 -7.23 -37.31
N LEU B 181 7.23 -6.44 -36.24
CA LEU B 181 8.12 -6.51 -35.10
C LEU B 181 7.32 -6.26 -33.83
N LEU B 182 7.60 -7.05 -32.81
CA LEU B 182 6.95 -6.96 -31.51
C LEU B 182 8.00 -6.62 -30.45
N VAL B 183 7.91 -5.42 -29.89
CA VAL B 183 8.77 -4.97 -28.80
C VAL B 183 8.21 -5.46 -27.47
N VAL B 184 8.95 -6.32 -26.78
CA VAL B 184 8.50 -7.00 -25.57
C VAL B 184 9.23 -6.41 -24.37
N ASN B 185 8.46 -6.01 -23.36
CA ASN B 185 8.99 -5.60 -22.07
C ASN B 185 10.05 -4.51 -22.18
N ALA B 186 9.78 -3.51 -23.02
CA ALA B 186 10.59 -2.30 -23.01
C ALA B 186 10.08 -1.48 -21.83
N VAL B 187 10.73 -1.66 -20.66
CA VAL B 187 10.15 -1.44 -19.33
C VAL B 187 11.19 -0.75 -18.46
N GLY B 188 10.72 -0.05 -17.43
CA GLY B 188 11.59 0.52 -16.42
C GLY B 188 12.41 1.70 -16.88
N GLU B 189 12.80 2.55 -15.93
CA GLU B 189 13.71 3.66 -16.16
C GLU B 189 15.11 3.36 -15.67
N ASN B 190 15.40 2.08 -15.39
CA ASN B 190 16.71 1.61 -14.89
C ASN B 190 17.12 2.30 -13.58
N ARG B 191 16.17 2.63 -12.71
CA ARG B 191 16.53 3.38 -11.51
C ARG B 191 16.98 2.47 -10.39
N ALA B 192 17.66 3.08 -9.41
CA ALA B 192 18.07 2.38 -8.21
C ALA B 192 16.89 1.60 -7.60
N PHE B 193 17.17 0.38 -7.15
CA PHE B 193 16.22 -0.52 -6.51
C PHE B 193 15.12 -1.02 -7.45
N GLU B 194 15.28 -0.83 -8.75
CA GLU B 194 14.35 -1.40 -9.72
C GLU B 194 14.97 -2.67 -10.28
N VAL B 195 14.28 -3.79 -10.11
CA VAL B 195 14.83 -5.09 -10.50
C VAL B 195 14.79 -5.23 -12.00
N ASP B 196 15.82 -5.88 -12.55
CA ASP B 196 15.89 -6.25 -13.95
C ASP B 196 15.62 -7.75 -14.05
N HIS B 197 14.56 -8.11 -14.77
CA HIS B 197 14.18 -9.52 -14.99
C HIS B 197 14.70 -10.07 -16.30
N ASN B 198 15.28 -9.24 -17.16
CA ASN B 198 15.93 -9.67 -18.40
C ASN B 198 14.96 -10.39 -19.31
N ASP B 199 13.70 -9.96 -19.32
CA ASP B 199 12.72 -10.48 -20.27
C ASP B 199 12.47 -9.50 -21.39
N GLY B 200 13.50 -8.74 -21.78
CA GLY B 200 13.37 -7.78 -22.85
C GLY B 200 13.76 -8.43 -24.17
N TRP B 201 12.92 -8.22 -25.19
CA TRP B 201 13.12 -8.88 -26.47
C TRP B 201 12.63 -8.00 -27.61
N LEU B 202 13.25 -8.17 -28.77
CA LEU B 202 12.74 -7.67 -30.05
C LEU B 202 12.47 -8.88 -30.93
N LEU B 203 11.19 -9.22 -31.12
CA LEU B 203 10.80 -10.41 -31.88
C LEU B 203 10.32 -10.02 -33.28
N SER B 204 11.04 -10.45 -34.31
CA SER B 204 10.59 -10.20 -35.68
C SER B 204 9.72 -11.34 -36.20
N ALA B 205 8.90 -11.01 -37.20
CA ALA B 205 7.98 -11.94 -37.85
C ALA B 205 8.69 -12.92 -38.77
N ASP B 206 10.00 -12.80 -38.92
CA ASP B 206 10.80 -13.77 -39.64
C ASP B 206 11.51 -14.78 -38.74
N GLY B 207 11.24 -14.76 -37.43
CA GLY B 207 11.81 -15.69 -36.48
C GLY B 207 12.98 -15.18 -35.65
N THR B 208 13.67 -14.13 -36.08
CA THR B 208 14.77 -13.58 -35.29
C THR B 208 14.31 -13.16 -33.89
N GLU B 209 15.16 -13.43 -32.90
CA GLU B 209 14.90 -13.01 -31.52
C GLU B 209 16.18 -12.40 -30.99
N SER B 210 16.15 -11.10 -30.71
CA SER B 210 17.26 -10.33 -30.14
C SER B 210 16.88 -9.82 -28.77
N ALA B 211 17.84 -9.87 -27.85
CA ALA B 211 17.60 -9.32 -26.52
C ALA B 211 17.48 -7.81 -26.56
N LEU B 212 16.57 -7.29 -25.73
CA LEU B 212 16.43 -5.87 -25.45
C LEU B 212 16.91 -5.64 -24.04
N GLU B 213 18.09 -5.05 -23.89
CA GLU B 213 18.59 -4.83 -22.54
C GLU B 213 17.80 -3.71 -21.89
N HIS B 214 17.60 -3.83 -20.58
CA HIS B 214 16.90 -2.80 -19.81
C HIS B 214 17.91 -1.74 -19.40
N GLY B 215 17.67 -0.51 -19.85
CA GLY B 215 18.55 0.62 -19.59
C GLY B 215 17.67 1.83 -19.62
N SER B 216 18.25 2.97 -20.01
CA SER B 216 17.47 4.20 -20.05
C SER B 216 16.41 4.15 -21.15
N LYS B 217 15.44 5.05 -21.02
CA LYS B 217 14.39 5.16 -22.02
C LYS B 217 14.99 5.43 -23.42
N THR B 218 16.03 6.27 -23.47
CA THR B 218 16.71 6.66 -24.71
C THR B 218 17.47 5.49 -25.32
N LEU B 219 18.15 4.69 -24.48
CA LEU B 219 18.93 3.56 -24.98
C LEU B 219 18.04 2.45 -25.51
N MET B 220 16.90 2.20 -24.86
CA MET B 220 15.97 1.22 -25.40
C MET B 220 15.29 1.75 -26.65
N ALA B 221 15.03 3.06 -26.69
CA ALA B 221 14.51 3.68 -27.91
C ALA B 221 15.49 3.53 -29.08
N THR B 222 16.79 3.73 -28.84
CA THR B 222 17.79 3.57 -29.88
C THR B 222 17.83 2.14 -30.41
N ARG B 223 17.75 1.16 -29.50
CA ARG B 223 17.81 -0.24 -29.91
C ARG B 223 16.57 -0.60 -30.72
N ILE B 224 15.41 -0.05 -30.32
CA ILE B 224 14.17 -0.32 -31.05
C ILE B 224 14.23 0.25 -32.45
N VAL B 225 14.64 1.52 -32.59
CA VAL B 225 14.76 2.14 -33.90
C VAL B 225 15.82 1.42 -34.72
N ASP B 226 16.90 1.01 -34.07
CA ASP B 226 17.89 0.15 -34.74
C ASP B 226 17.20 -1.07 -35.31
N SER B 227 16.31 -1.67 -34.52
CA SER B 227 15.58 -2.84 -34.97
C SER B 227 14.69 -2.51 -36.16
N ILE B 228 14.03 -1.34 -36.11
CA ILE B 228 13.21 -0.89 -37.23
C ILE B 228 14.05 -0.74 -38.49
N ALA B 229 15.14 0.04 -38.40
CA ALA B 229 16.01 0.29 -39.55
C ALA B 229 16.53 -1.01 -40.17
N ALA B 230 16.84 -2.00 -39.34
CA ALA B 230 17.27 -3.29 -39.89
C ALA B 230 16.15 -3.97 -40.64
N PHE B 231 14.91 -3.79 -40.21
CA PHE B 231 13.81 -4.40 -40.93
C PHE B 231 13.56 -3.69 -42.25
N LEU B 232 13.64 -2.36 -42.27
CA LEU B 232 13.45 -1.64 -43.51
C LEU B 232 14.53 -1.99 -44.52
N LYS B 233 15.73 -2.28 -44.06
CA LYS B 233 16.80 -2.63 -44.98
C LYS B 233 16.55 -4.02 -45.58
N SER B 234 16.04 -4.95 -44.78
CA SER B 234 15.74 -6.30 -45.29
C SER B 234 14.79 -6.25 -46.47
N GLN B 235 13.82 -5.35 -46.42
CA GLN B 235 12.90 -5.16 -47.53
C GLN B 235 13.51 -4.27 -48.61
N HIS C 7 34.83 9.40 21.06
CA HIS C 7 34.31 10.71 20.70
C HIS C 7 33.06 10.61 19.82
N HIS C 8 32.83 11.64 18.99
CA HIS C 8 31.74 11.63 18.02
C HIS C 8 32.22 11.06 16.69
N ASP C 9 32.41 9.74 16.70
CA ASP C 9 32.99 9.05 15.56
C ASP C 9 32.15 9.21 14.30
N MET C 10 30.82 9.30 14.43
CA MET C 10 29.94 9.40 13.28
C MET C 10 29.37 10.80 13.05
N ALA C 11 30.00 11.84 13.58
CA ALA C 11 29.49 13.19 13.32
C ALA C 11 29.45 13.45 11.83
N GLY C 12 28.31 13.97 11.35
CA GLY C 12 28.19 14.28 9.95
C GLY C 12 27.84 13.12 9.05
N VAL C 13 27.86 11.88 9.56
CA VAL C 13 27.49 10.73 8.76
C VAL C 13 25.97 10.61 8.74
N LYS C 14 25.40 10.51 7.55
CA LYS C 14 23.98 10.23 7.41
C LYS C 14 23.83 8.73 7.23
N ALA C 15 23.09 8.10 8.16
CA ALA C 15 23.00 6.65 8.24
C ALA C 15 21.54 6.23 8.11
N LEU C 16 21.29 5.24 7.25
CA LEU C 16 19.95 4.72 6.96
C LEU C 16 19.88 3.28 7.48
N VAL C 17 18.97 3.04 8.42
CA VAL C 17 18.88 1.78 9.15
C VAL C 17 17.46 1.22 9.00
N THR C 18 17.37 -0.09 8.73
CA THR C 18 16.11 -0.81 8.74
C THR C 18 16.08 -1.82 9.88
N ALA C 19 14.89 -2.05 10.45
CA ALA C 19 14.80 -2.90 11.62
C ALA C 19 13.43 -3.56 11.74
N GLY C 20 13.41 -4.73 12.36
CA GLY C 20 12.18 -5.47 12.56
C GLY C 20 11.84 -6.40 11.40
N GLY C 21 10.77 -7.16 11.57
CA GLY C 21 10.29 -8.03 10.52
C GLY C 21 9.11 -7.38 9.83
N THR C 22 8.96 -7.68 8.55
CA THR C 22 7.89 -7.15 7.72
C THR C 22 6.65 -8.03 7.80
N ARG C 23 5.51 -7.46 7.43
CA ARG C 23 4.24 -8.19 7.45
C ARG C 23 3.62 -8.19 6.06
N GLU C 24 3.39 -9.38 5.50
CA GLU C 24 2.88 -9.45 4.14
C GLU C 24 1.38 -9.74 4.16
N PRO C 25 0.53 -8.75 3.86
CA PRO C 25 -0.92 -8.93 4.06
C PRO C 25 -1.51 -10.04 3.21
N LEU C 26 -2.32 -10.85 3.87
CA LEU C 26 -3.25 -11.78 3.24
C LEU C 26 -4.62 -11.14 3.02
N ASP C 27 -4.98 -10.16 3.86
CA ASP C 27 -6.29 -9.50 3.83
C ASP C 27 -6.20 -8.31 4.79
N PRO C 28 -7.29 -7.61 5.13
CA PRO C 28 -7.13 -6.44 5.99
C PRO C 28 -6.62 -6.75 7.39
N VAL C 29 -6.83 -7.96 7.92
CA VAL C 29 -6.55 -8.28 9.31
C VAL C 29 -5.40 -9.26 9.46
N ARG C 30 -5.29 -10.25 8.56
CA ARG C 30 -4.28 -11.30 8.66
C ARG C 30 -3.09 -11.02 7.75
N PHE C 31 -1.96 -11.67 8.05
CA PHE C 31 -0.72 -11.39 7.32
C PHE C 31 0.28 -12.51 7.58
N ILE C 32 1.33 -12.52 6.80
CA ILE C 32 2.50 -13.35 7.09
C ILE C 32 3.53 -12.50 7.80
N GLY C 33 4.03 -13.00 8.94
CA GLY C 33 5.05 -12.30 9.70
C GLY C 33 6.11 -13.24 10.23
N ASN C 34 7.14 -12.65 10.85
CA ASN C 34 8.20 -13.43 11.46
C ASN C 34 8.42 -12.97 12.90
N ARG C 35 9.29 -13.69 13.63
CA ARG C 35 9.49 -13.47 15.04
C ARG C 35 10.63 -12.50 15.38
N SER C 36 11.02 -11.62 14.47
CA SER C 36 12.13 -10.71 14.71
C SER C 36 11.77 -9.55 15.61
N SER C 37 12.61 -9.27 16.58
CA SER C 37 12.31 -8.23 17.56
C SER C 37 12.71 -6.83 17.12
N GLY C 38 13.75 -6.69 16.28
CA GLY C 38 14.25 -5.38 15.92
C GLY C 38 15.20 -4.74 16.93
N LYS C 39 15.53 -5.43 18.04
CA LYS C 39 16.30 -4.80 19.12
C LYS C 39 17.75 -4.53 18.72
N GLN C 40 18.39 -5.45 18.00
CA GLN C 40 19.74 -5.17 17.57
C GLN C 40 19.76 -4.07 16.51
N GLY C 41 18.71 -4.00 15.68
CA GLY C 41 18.63 -2.93 14.72
C GLY C 41 18.46 -1.56 15.35
N TYR C 42 17.55 -1.45 16.34
CA TYR C 42 17.40 -0.21 17.10
C TYR C 42 18.68 0.17 17.84
N ALA C 43 19.34 -0.81 18.46
CA ALA C 43 20.55 -0.52 19.21
C ALA C 43 21.64 0.07 18.32
N VAL C 44 21.77 -0.44 17.09
CA VAL C 44 22.71 0.13 16.12
C VAL C 44 22.31 1.55 15.72
N ALA C 45 20.99 1.80 15.59
CA ALA C 45 20.53 3.16 15.32
C ALA C 45 20.88 4.10 16.47
N ARG C 46 20.61 3.67 17.71
CA ARG C 46 20.90 4.47 18.91
C ARG C 46 22.39 4.75 19.05
N VAL C 47 23.24 3.73 18.90
CA VAL C 47 24.68 3.96 18.99
C VAL C 47 25.14 4.89 17.87
N LEU C 48 24.68 4.63 16.64
CA LEU C 48 24.97 5.57 15.55
C LEU C 48 24.52 6.97 15.92
N ALA C 49 23.29 7.11 16.42
CA ALA C 49 22.79 8.41 16.81
C ALA C 49 23.62 9.00 17.94
N GLN C 50 23.99 8.18 18.92
CA GLN C 50 24.77 8.67 20.06
C GLN C 50 26.14 9.18 19.64
N ARG C 51 26.70 8.68 18.55
CA ARG C 51 28.03 9.06 18.11
C ARG C 51 28.04 10.13 17.03
N GLY C 52 26.92 10.82 16.81
CA GLY C 52 26.86 12.00 15.97
C GLY C 52 26.28 11.81 14.57
N ALA C 53 25.84 10.61 14.21
CA ALA C 53 25.27 10.42 12.89
C ALA C 53 23.87 11.00 12.83
N ASP C 54 23.48 11.47 11.65
CA ASP C 54 22.09 11.88 11.41
C ASP C 54 21.35 10.64 10.95
N VAL C 55 20.62 10.02 11.86
CA VAL C 55 20.16 8.65 11.71
C VAL C 55 18.68 8.65 11.36
N THR C 56 18.33 7.86 10.35
CA THR C 56 16.95 7.57 9.96
C THR C 56 16.69 6.08 10.09
N LEU C 57 15.61 5.74 10.78
CA LEU C 57 15.29 4.36 11.10
C LEU C 57 13.97 3.99 10.44
N ILE C 58 14.03 3.07 9.47
CA ILE C 58 12.84 2.50 8.84
C ILE C 58 12.49 1.23 9.62
N ALA C 59 11.35 1.23 10.28
CA ALA C 59 11.02 0.16 11.22
C ALA C 59 9.79 -0.61 10.76
N GLY C 60 9.91 -1.94 10.73
CA GLY C 60 8.75 -2.79 10.51
C GLY C 60 8.14 -3.16 11.84
N ASN C 61 7.84 -4.44 12.05
CA ASN C 61 7.20 -4.87 13.28
C ASN C 61 8.23 -5.14 14.38
N THR C 62 7.94 -4.68 15.59
CA THR C 62 8.91 -4.74 16.66
C THR C 62 8.24 -5.26 17.92
N ALA C 63 9.08 -5.58 18.91
CA ALA C 63 8.63 -6.05 20.20
C ALA C 63 8.09 -4.92 21.06
N GLY C 64 7.24 -4.05 20.52
CA GLY C 64 6.76 -2.94 21.33
C GLY C 64 7.78 -1.85 21.50
N LEU C 65 8.80 -1.79 20.63
CA LEU C 65 9.92 -0.90 20.88
C LEU C 65 9.54 0.56 20.71
N ILE C 66 10.20 1.40 21.50
CA ILE C 66 9.99 2.83 21.57
C ILE C 66 10.96 3.50 20.61
N ASP C 67 10.49 4.56 19.97
CA ASP C 67 11.33 5.31 19.04
C ASP C 67 12.54 5.89 19.75
N PRO C 68 13.76 5.64 19.28
CA PRO C 68 14.93 6.33 19.84
C PRO C 68 14.87 7.84 19.55
N ALA C 69 15.31 8.61 20.54
CA ALA C 69 15.28 10.07 20.44
C ALA C 69 16.31 10.61 19.43
N GLY C 70 15.91 11.64 18.70
CA GLY C 70 16.77 12.26 17.72
C GLY C 70 16.96 11.46 16.45
N VAL C 71 16.18 10.41 16.29
CA VAL C 71 16.27 9.50 15.17
C VAL C 71 15.00 9.72 14.36
N GLU C 72 15.15 9.96 13.07
CA GLU C 72 14.00 10.12 12.20
C GLU C 72 13.36 8.75 11.97
N MET C 73 12.10 8.62 12.38
CA MET C 73 11.41 7.33 12.32
C MET C 73 10.58 7.23 11.05
N VAL C 74 10.68 6.09 10.37
CA VAL C 74 9.83 5.78 9.23
C VAL C 74 9.21 4.42 9.47
N HIS C 75 7.89 4.36 9.55
CA HIS C 75 7.21 3.10 9.81
C HIS C 75 6.68 2.55 8.49
N ILE C 76 6.90 1.25 8.25
CA ILE C 76 6.47 0.53 7.06
C ILE C 76 5.85 -0.78 7.52
N GLY C 77 5.07 -1.40 6.62
CA GLY C 77 4.46 -2.68 6.91
C GLY C 77 5.08 -3.88 6.20
N SER C 78 5.01 -3.89 4.86
CA SER C 78 5.38 -5.02 4.04
C SER C 78 6.80 -4.89 3.50
N ALA C 79 7.29 -5.96 2.87
CA ALA C 79 8.58 -5.89 2.22
C ALA C 79 8.62 -4.80 1.15
N THR C 80 7.52 -4.66 0.40
CA THR C 80 7.46 -3.69 -0.70
C THR C 80 7.48 -2.26 -0.19
N GLN C 81 6.74 -1.98 0.87
CA GLN C 81 6.83 -0.65 1.45
C GLN C 81 8.22 -0.41 2.05
N LEU C 82 8.85 -1.43 2.60
CA LEU C 82 10.26 -1.31 2.99
C LEU C 82 11.11 -0.92 1.79
N ARG C 83 10.93 -1.66 0.68
CA ARG C 83 11.72 -1.38 -0.52
C ARG C 83 11.57 0.07 -0.94
N ASP C 84 10.33 0.58 -1.01
CA ASP C 84 10.07 1.96 -1.44
C ASP C 84 10.64 3.00 -0.47
N ALA C 85 10.60 2.72 0.84
CA ALA C 85 11.18 3.63 1.85
C ALA C 85 12.69 3.71 1.72
N VAL C 86 13.38 2.57 1.58
CA VAL C 86 14.83 2.59 1.40
C VAL C 86 15.19 3.35 0.12
N SER C 87 14.45 3.07 -0.97
CA SER C 87 14.66 3.74 -2.26
C SER C 87 14.42 5.24 -2.16
N LYS C 88 13.39 5.63 -1.40
CA LYS C 88 13.10 7.04 -1.19
C LYS C 88 14.22 7.73 -0.43
N HIS C 89 14.79 7.07 0.60
CA HIS C 89 15.80 7.69 1.48
C HIS C 89 17.25 7.33 1.14
N ALA C 90 17.49 6.36 0.27
CA ALA C 90 18.87 5.96 0.01
C ALA C 90 19.72 7.06 -0.60
N PRO C 91 19.23 7.88 -1.54
CA PRO C 91 20.15 8.81 -2.23
C PRO C 91 20.93 9.73 -1.33
N ASP C 92 20.43 10.04 -0.14
CA ASP C 92 21.13 10.98 0.71
C ASP C 92 21.93 10.31 1.82
N ALA C 93 21.85 8.99 1.97
CA ALA C 93 22.50 8.27 3.05
C ALA C 93 23.95 7.97 2.70
N ASN C 94 24.79 7.93 3.75
CA ASN C 94 26.17 7.48 3.61
C ASN C 94 26.37 6.04 4.05
N VAL C 95 25.49 5.55 4.91
CA VAL C 95 25.54 4.19 5.45
C VAL C 95 24.14 3.62 5.34
N LEU C 96 24.05 2.40 4.84
CA LEU C 96 22.82 1.63 4.86
C LEU C 96 23.09 0.41 5.71
N VAL C 97 22.33 0.26 6.79
CA VAL C 97 22.43 -0.84 7.71
C VAL C 97 21.13 -1.62 7.54
N MET C 98 21.20 -2.75 6.86
CA MET C 98 20.01 -3.53 6.50
C MET C 98 19.76 -4.61 7.55
N ALA C 99 19.24 -4.21 8.72
CA ALA C 99 19.03 -5.15 9.81
C ALA C 99 17.63 -5.77 9.84
N ALA C 100 16.73 -5.36 8.95
CA ALA C 100 15.36 -5.86 9.00
C ALA C 100 15.26 -7.29 8.46
N ALA C 101 14.29 -8.04 8.99
CA ALA C 101 13.92 -9.35 8.43
C ALA C 101 12.88 -9.10 7.34
N VAL C 102 13.35 -8.90 6.12
CA VAL C 102 12.48 -8.62 4.99
C VAL C 102 11.92 -9.92 4.45
N ALA C 103 10.59 -9.97 4.31
CA ALA C 103 9.95 -11.16 3.76
C ALA C 103 10.43 -11.49 2.35
N ASP C 104 10.82 -12.74 2.11
CA ASP C 104 11.20 -13.14 0.75
C ASP C 104 9.98 -13.27 -0.16
N PHE C 105 8.81 -13.57 0.41
CA PHE C 105 7.58 -13.83 -0.33
C PHE C 105 6.40 -13.07 0.27
N ARG C 106 5.38 -12.89 -0.56
CA ARG C 106 4.13 -12.22 -0.25
C ARG C 106 3.01 -12.96 -0.95
N PRO C 107 1.79 -12.90 -0.41
CA PRO C 107 0.65 -13.43 -1.15
C PRO C 107 0.50 -12.73 -2.50
N ALA C 108 0.21 -13.52 -3.53
CA ALA C 108 0.00 -12.96 -4.87
C ALA C 108 -1.26 -12.10 -4.93
N HIS C 109 -2.34 -12.56 -4.33
CA HIS C 109 -3.60 -11.83 -4.31
C HIS C 109 -3.88 -11.46 -2.86
N VAL C 110 -4.27 -10.20 -2.64
CA VAL C 110 -4.67 -9.69 -1.34
C VAL C 110 -6.19 -9.62 -1.29
N ALA C 111 -6.78 -10.24 -0.27
CA ALA C 111 -8.23 -10.21 -0.13
C ALA C 111 -8.72 -8.84 0.33
N SER C 123 -8.41 -22.73 1.70
CA SER C 123 -7.83 -22.80 0.37
C SER C 123 -6.32 -22.79 0.49
N SER C 124 -5.65 -22.43 -0.60
CA SER C 124 -4.22 -22.24 -0.57
C SER C 124 -3.92 -20.80 -0.93
N ILE C 125 -2.77 -20.32 -0.46
CA ILE C 125 -2.24 -18.98 -0.73
C ILE C 125 -1.10 -19.11 -1.74
N ASP C 126 -1.24 -18.47 -2.89
CA ASP C 126 -0.14 -18.38 -3.85
C ASP C 126 0.85 -17.29 -3.43
N LEU C 127 2.15 -17.59 -3.49
CA LEU C 127 3.18 -16.64 -3.10
C LEU C 127 3.99 -16.19 -4.31
N VAL C 128 4.50 -14.95 -4.25
CA VAL C 128 5.37 -14.38 -5.27
C VAL C 128 6.53 -13.64 -4.61
N ARG C 129 7.70 -13.70 -5.23
CA ARG C 129 8.91 -13.18 -4.59
C ARG C 129 8.89 -11.66 -4.45
N ASN C 130 9.37 -11.19 -3.29
CA ASN C 130 9.64 -9.78 -3.04
C ASN C 130 11.09 -9.46 -3.42
N ASP C 131 11.33 -8.22 -3.79
CA ASP C 131 12.65 -7.78 -4.22
C ASP C 131 13.68 -7.87 -3.09
N ASP C 132 14.92 -8.18 -3.47
CA ASP C 132 16.07 -8.15 -2.57
C ASP C 132 16.54 -6.71 -2.43
N VAL C 133 16.17 -6.07 -1.32
CA VAL C 133 16.45 -4.65 -1.12
C VAL C 133 17.94 -4.40 -0.92
N LEU C 134 18.60 -5.24 -0.11
CA LEU C 134 20.04 -5.10 0.10
C LEU C 134 20.81 -5.21 -1.21
N ALA C 135 20.47 -6.20 -2.03
CA ALA C 135 21.17 -6.40 -3.30
C ALA C 135 20.90 -5.27 -4.28
N GLY C 136 19.67 -4.76 -4.30
CA GLY C 136 19.38 -3.59 -5.08
C GLY C 136 20.19 -2.38 -4.64
N ALA C 137 20.42 -2.25 -3.33
CA ALA C 137 21.27 -1.17 -2.84
C ALA C 137 22.70 -1.34 -3.35
N VAL C 138 23.22 -2.57 -3.32
CA VAL C 138 24.58 -2.85 -3.78
C VAL C 138 24.74 -2.53 -5.27
N ARG C 139 23.73 -2.88 -6.09
CA ARG C 139 23.81 -2.62 -7.52
C ARG C 139 23.68 -1.13 -7.82
N ALA C 140 22.79 -0.44 -7.11
CA ALA C 140 22.63 0.99 -7.34
C ALA C 140 23.93 1.74 -7.13
N ARG C 141 24.66 1.44 -6.05
CA ARG C 141 25.92 2.12 -5.82
C ARG C 141 26.94 1.71 -6.88
N ALA C 142 26.91 0.45 -7.31
CA ALA C 142 27.83 -0.03 -8.34
C ALA C 142 27.51 0.58 -9.69
N ASP C 143 26.24 0.94 -9.93
CA ASP C 143 25.82 1.58 -11.16
C ASP C 143 25.91 3.10 -11.10
N GLY C 144 26.44 3.66 -10.01
CA GLY C 144 26.65 5.10 -9.94
C GLY C 144 25.47 5.90 -9.46
N GLN C 145 24.39 5.24 -9.03
CA GLN C 145 23.16 5.94 -8.64
C GLN C 145 23.15 6.37 -7.19
N LEU C 146 24.17 6.00 -6.41
CA LEU C 146 24.28 6.38 -5.01
C LEU C 146 25.69 6.89 -4.70
N PRO C 147 26.10 8.00 -5.31
CA PRO C 147 27.48 8.49 -5.10
C PRO C 147 27.83 8.78 -3.65
N ASN C 148 26.85 9.10 -2.79
CA ASN C 148 27.05 9.39 -1.38
C ASN C 148 27.20 8.14 -0.51
N MET C 149 26.84 6.96 -1.00
CA MET C 149 26.81 5.76 -0.19
C MET C 149 28.23 5.22 0.00
N ARG C 150 28.63 5.09 1.25
CA ARG C 150 29.99 4.72 1.59
C ARG C 150 30.10 3.33 2.19
N ALA C 151 29.04 2.83 2.83
CA ALA C 151 29.07 1.54 3.52
C ALA C 151 27.69 0.92 3.42
N ILE C 152 27.64 -0.29 2.88
CA ILE C 152 26.42 -1.08 2.80
C ILE C 152 26.62 -2.29 3.70
N VAL C 153 25.76 -2.41 4.72
CA VAL C 153 25.90 -3.42 5.74
C VAL C 153 24.68 -4.32 5.70
N GLY C 154 24.90 -5.63 5.62
CA GLY C 154 23.83 -6.59 5.67
C GLY C 154 23.80 -7.34 6.99
N PHE C 155 22.67 -7.97 7.30
CA PHE C 155 22.52 -8.81 8.48
C PHE C 155 22.15 -10.22 8.07
N ALA C 156 22.57 -11.19 8.88
CA ALA C 156 22.19 -12.57 8.62
C ALA C 156 22.10 -13.31 9.94
N ALA C 157 21.05 -14.13 10.09
CA ALA C 157 20.91 -15.09 11.16
C ALA C 157 21.14 -16.48 10.58
N GLU C 158 22.17 -17.17 11.08
CA GLU C 158 22.56 -18.45 10.51
C GLU C 158 22.58 -19.53 11.57
N THR C 159 22.29 -20.74 11.12
CA THR C 159 22.57 -21.96 11.86
C THR C 159 23.37 -22.87 10.94
N GLY C 160 24.22 -23.69 11.55
CA GLY C 160 24.90 -24.72 10.80
C GLY C 160 23.99 -25.90 10.52
N ASP C 161 24.31 -26.63 9.46
CA ASP C 161 23.47 -27.74 9.06
C ASP C 161 24.39 -28.81 8.46
N ALA C 162 23.78 -29.87 7.93
CA ALA C 162 24.55 -30.94 7.30
C ALA C 162 25.46 -30.41 6.18
N ASN C 163 25.00 -29.44 5.39
CA ASN C 163 25.81 -28.97 4.27
C ASN C 163 26.93 -28.05 4.71
N GLY C 164 26.85 -27.49 5.91
CA GLY C 164 27.90 -26.60 6.36
C GLY C 164 27.61 -25.97 7.70
N ASP C 165 28.68 -25.46 8.31
CA ASP C 165 28.67 -24.69 9.55
C ASP C 165 28.24 -23.25 9.27
N VAL C 166 28.08 -22.48 10.35
CA VAL C 166 27.55 -21.11 10.26
C VAL C 166 28.38 -20.23 9.33
N LEU C 167 29.70 -20.29 9.48
CA LEU C 167 30.58 -19.39 8.73
C LEU C 167 30.64 -19.75 7.24
N PHE C 168 30.54 -21.03 6.90
CA PHE C 168 30.39 -21.44 5.50
C PHE C 168 29.22 -20.72 4.89
N HIS C 169 28.04 -20.84 5.51
CA HIS C 169 26.83 -20.20 4.99
C HIS C 169 26.93 -18.67 4.99
N ALA C 170 27.59 -18.09 6.00
CA ALA C 170 27.70 -16.63 6.06
C ALA C 170 28.62 -16.14 4.97
N ARG C 171 29.68 -16.89 4.68
CA ARG C 171 30.59 -16.53 3.60
C ARG C 171 29.87 -16.51 2.26
N ALA C 172 29.13 -17.60 1.98
CA ALA C 172 28.37 -17.65 0.74
C ALA C 172 27.40 -16.49 0.65
N LYS C 173 26.81 -16.09 1.77
CA LYS C 173 25.88 -14.97 1.74
C LYS C 173 26.59 -13.64 1.50
N LEU C 174 27.76 -13.45 2.11
CA LEU C 174 28.54 -12.24 1.88
C LEU C 174 28.96 -12.14 0.42
N GLU C 175 29.49 -13.24 -0.12
CA GLU C 175 29.93 -13.26 -1.50
C GLU C 175 28.77 -13.01 -2.45
N ARG C 176 27.60 -13.59 -2.13
CA ARG C 176 26.43 -13.49 -3.00
C ARG C 176 25.77 -12.11 -2.91
N LYS C 177 25.73 -11.50 -1.71
CA LYS C 177 25.12 -10.18 -1.54
C LYS C 177 26.04 -9.05 -1.98
N GLY C 178 27.35 -9.20 -1.83
CA GLY C 178 28.24 -8.14 -2.27
C GLY C 178 28.28 -6.90 -1.40
N CYS C 179 27.66 -6.91 -0.22
CA CYS C 179 27.68 -5.74 0.63
C CYS C 179 29.06 -5.58 1.30
N ASP C 180 29.27 -4.42 1.92
CA ASP C 180 30.57 -4.15 2.54
C ASP C 180 30.75 -4.91 3.85
N LEU C 181 29.69 -5.14 4.59
CA LEU C 181 29.77 -5.82 5.87
C LEU C 181 28.54 -6.71 6.05
N LEU C 182 28.77 -7.92 6.48
CA LEU C 182 27.67 -8.81 6.82
C LEU C 182 27.79 -9.10 8.31
N VAL C 183 26.84 -8.58 9.08
CA VAL C 183 26.81 -8.83 10.52
C VAL C 183 26.08 -10.15 10.71
N VAL C 184 26.80 -11.15 11.21
CA VAL C 184 26.32 -12.52 11.27
C VAL C 184 26.06 -12.91 12.72
N ASN C 185 24.86 -13.44 12.98
CA ASN C 185 24.49 -13.97 14.27
C ASN C 185 24.16 -15.45 14.14
N ALA C 186 24.77 -16.29 14.98
CA ALA C 186 24.47 -17.73 14.95
C ALA C 186 23.16 -18.06 15.67
N ASP C 199 27.01 -15.78 19.94
CA ASP C 199 28.16 -15.63 19.06
C ASP C 199 27.74 -15.26 17.65
N GLY C 200 28.74 -15.03 16.81
CA GLY C 200 28.49 -14.56 15.46
C GLY C 200 29.77 -13.99 14.89
N TRP C 201 29.62 -13.33 13.75
CA TRP C 201 30.76 -12.88 12.98
C TRP C 201 30.46 -11.52 12.34
N LEU C 202 31.53 -10.75 12.13
CA LEU C 202 31.51 -9.57 11.26
C LEU C 202 32.39 -9.87 10.07
N LEU C 203 31.76 -10.13 8.93
CA LEU C 203 32.46 -10.48 7.70
C LEU C 203 32.51 -9.25 6.82
N SER C 204 33.72 -8.78 6.56
CA SER C 204 34.00 -7.67 5.68
C SER C 204 34.27 -8.16 4.26
N ALA C 205 34.12 -7.26 3.30
CA ALA C 205 34.37 -7.53 1.88
C ALA C 205 35.85 -7.62 1.53
N ASP C 206 36.77 -7.38 2.45
CA ASP C 206 38.19 -7.62 2.21
C ASP C 206 38.64 -8.95 2.79
N GLY C 207 37.72 -9.80 3.25
CA GLY C 207 38.07 -11.10 3.74
C GLY C 207 38.19 -11.22 5.25
N THR C 208 38.33 -10.10 5.94
CA THR C 208 38.41 -10.12 7.40
C THR C 208 37.19 -10.79 8.01
N GLU C 209 37.43 -11.61 9.03
CA GLU C 209 36.35 -12.25 9.76
C GLU C 209 36.65 -12.12 11.24
N SER C 210 35.77 -11.42 11.96
CA SER C 210 35.91 -11.23 13.39
C SER C 210 34.83 -11.99 14.13
N ALA C 211 35.21 -12.64 15.23
CA ALA C 211 34.19 -13.25 16.09
C ALA C 211 33.39 -12.12 16.71
N LEU C 212 32.11 -12.35 16.86
CA LEU C 212 31.27 -11.38 17.56
C LEU C 212 30.97 -12.02 18.91
N GLU C 213 31.66 -11.55 19.94
CA GLU C 213 31.54 -12.14 21.27
C GLU C 213 30.16 -11.83 21.82
N HIS C 214 29.75 -12.64 22.80
CA HIS C 214 28.41 -12.48 23.35
C HIS C 214 28.35 -11.28 24.27
N GLY C 215 27.39 -10.42 24.02
CA GLY C 215 27.14 -9.34 24.95
C GLY C 215 25.73 -8.84 24.79
N SER C 216 25.46 -7.70 25.41
CA SER C 216 24.16 -7.07 25.28
C SER C 216 24.00 -6.48 23.87
N LYS C 217 22.73 -6.17 23.54
CA LYS C 217 22.43 -5.52 22.27
C LYS C 217 23.22 -4.23 22.14
N THR C 218 23.46 -3.58 23.27
CA THR C 218 24.25 -2.37 23.28
C THR C 218 25.70 -2.66 22.94
N LEU C 219 26.26 -3.74 23.52
CA LEU C 219 27.69 -4.01 23.30
C LEU C 219 27.97 -4.48 21.88
N MET C 220 27.12 -5.33 21.32
CA MET C 220 27.37 -5.77 19.96
C MET C 220 27.09 -4.67 18.95
N ALA C 221 26.11 -3.81 19.25
CA ALA C 221 25.91 -2.62 18.43
C ALA C 221 27.16 -1.78 18.43
N THR C 222 27.84 -1.71 19.57
CA THR C 222 29.11 -1.00 19.63
C THR C 222 30.15 -1.67 18.72
N ARG C 223 30.22 -3.01 18.74
CA ARG C 223 31.19 -3.69 17.89
C ARG C 223 30.85 -3.58 16.42
N ILE C 224 29.54 -3.59 16.10
CA ILE C 224 29.07 -3.43 14.73
C ILE C 224 29.38 -2.02 14.21
N VAL C 225 28.98 -1.01 14.99
CA VAL C 225 29.25 0.37 14.58
C VAL C 225 30.76 0.62 14.56
N ASP C 226 31.49 0.07 15.55
CA ASP C 226 32.95 0.11 15.48
C ASP C 226 33.47 -0.46 14.18
N SER C 227 32.89 -1.60 13.76
CA SER C 227 33.28 -2.19 12.50
C SER C 227 32.95 -1.27 11.33
N ILE C 228 31.75 -0.67 11.34
CA ILE C 228 31.38 0.26 10.29
C ILE C 228 32.38 1.41 10.22
N ALA C 229 32.68 2.03 11.36
CA ALA C 229 33.65 3.11 11.40
C ALA C 229 35.01 2.69 10.83
N ALA C 230 35.42 1.44 11.08
CA ALA C 230 36.70 0.97 10.54
C ALA C 230 36.67 0.92 9.03
N PHE C 231 35.53 0.57 8.46
CA PHE C 231 35.45 0.52 7.01
C PHE C 231 35.46 1.91 6.40
N LEU C 232 34.76 2.87 7.04
CA LEU C 232 34.75 4.23 6.52
C LEU C 232 36.14 4.86 6.56
N LYS C 233 36.94 4.56 7.58
CA LYS C 233 38.27 5.16 7.66
C LYS C 233 39.21 4.56 6.62
N SER C 234 39.15 3.24 6.43
CA SER C 234 39.98 2.61 5.40
C SER C 234 39.68 3.21 4.04
N GLN C 235 38.41 3.48 3.79
CA GLN C 235 37.95 4.11 2.57
C GLN C 235 38.09 5.64 2.63
N HIS D 8 -17.75 -4.94 44.25
CA HIS D 8 -17.09 -6.20 43.89
C HIS D 8 -18.12 -7.30 43.60
N ASP D 9 -18.92 -7.08 42.56
CA ASP D 9 -20.04 -7.96 42.23
C ASP D 9 -19.62 -9.35 41.74
N MET D 10 -18.41 -9.54 41.23
CA MET D 10 -17.96 -10.84 40.71
C MET D 10 -17.17 -11.66 41.72
N ALA D 11 -17.33 -11.39 43.02
CA ALA D 11 -16.67 -12.18 44.06
C ALA D 11 -17.10 -13.64 43.98
N GLY D 12 -16.12 -14.55 44.10
CA GLY D 12 -16.38 -15.97 44.03
C GLY D 12 -16.42 -16.55 42.63
N VAL D 13 -16.37 -15.70 41.61
CA VAL D 13 -16.39 -16.14 40.23
C VAL D 13 -14.98 -16.55 39.81
N LYS D 14 -14.84 -17.75 39.27
CA LYS D 14 -13.60 -18.16 38.64
C LYS D 14 -13.74 -17.83 37.16
N ALA D 15 -12.84 -16.98 36.66
CA ALA D 15 -12.97 -16.43 35.32
C ALA D 15 -11.78 -16.83 34.48
N LEU D 16 -12.05 -17.40 33.31
CA LEU D 16 -11.06 -17.82 32.34
C LEU D 16 -11.21 -16.94 31.11
N VAL D 17 -10.18 -16.16 30.84
CA VAL D 17 -10.20 -15.14 29.80
C VAL D 17 -9.11 -15.48 28.80
N THR D 18 -9.48 -15.45 27.53
CA THR D 18 -8.54 -15.66 26.43
C THR D 18 -8.35 -14.31 25.74
N ALA D 19 -7.12 -14.00 25.33
CA ALA D 19 -6.88 -12.66 24.80
C ALA D 19 -5.67 -12.65 23.86
N GLY D 20 -5.70 -11.73 22.89
CA GLY D 20 -4.64 -11.57 21.92
C GLY D 20 -4.84 -12.45 20.70
N GLY D 21 -3.97 -12.28 19.73
CA GLY D 21 -4.06 -13.03 18.50
C GLY D 21 -3.13 -14.23 18.54
N THR D 22 -3.50 -15.28 17.81
CA THR D 22 -2.65 -16.46 17.69
C THR D 22 -1.76 -16.37 16.46
N ARG D 23 -0.67 -17.11 16.49
CA ARG D 23 0.29 -17.13 15.40
C ARG D 23 0.48 -18.57 14.95
N GLU D 24 0.23 -18.84 13.66
CA GLU D 24 0.26 -20.17 13.08
C GLU D 24 1.58 -20.40 12.34
N PRO D 25 2.52 -21.16 12.91
CA PRO D 25 3.86 -21.25 12.31
C PRO D 25 3.90 -21.81 10.91
N LEU D 26 4.68 -21.18 10.05
CA LEU D 26 5.08 -21.78 8.80
C LEU D 26 6.39 -22.54 8.92
N ASP D 27 7.20 -22.18 9.90
CA ASP D 27 8.50 -22.78 10.16
C ASP D 27 8.89 -22.18 11.50
N PRO D 28 10.13 -22.35 12.00
CA PRO D 28 10.44 -21.80 13.34
C PRO D 28 10.35 -20.28 13.48
N VAL D 29 10.43 -19.53 12.39
CA VAL D 29 10.55 -18.08 12.46
C VAL D 29 9.32 -17.36 11.89
N ARG D 30 8.69 -17.92 10.87
CA ARG D 30 7.58 -17.30 10.17
C ARG D 30 6.24 -17.83 10.64
N PHE D 31 5.20 -17.06 10.35
CA PHE D 31 3.88 -17.45 10.84
C PHE D 31 2.83 -16.63 10.11
N ILE D 32 1.59 -17.04 10.27
CA ILE D 32 0.41 -16.23 9.97
C ILE D 32 -0.07 -15.60 11.27
N GLY D 33 -0.32 -14.30 11.24
CA GLY D 33 -0.82 -13.61 12.40
C GLY D 33 -1.92 -12.63 12.02
N ASN D 34 -2.49 -12.00 13.04
CA ASN D 34 -3.48 -10.96 12.82
C ASN D 34 -3.09 -9.72 13.62
N ARG D 35 -3.84 -8.64 13.40
CA ARG D 35 -3.50 -7.34 13.97
C ARG D 35 -4.16 -7.10 15.30
N SER D 36 -4.71 -8.14 15.91
CA SER D 36 -5.37 -7.97 17.19
C SER D 36 -4.34 -7.58 18.23
N SER D 37 -4.66 -6.57 19.02
CA SER D 37 -3.72 -6.14 20.05
C SER D 37 -3.88 -6.93 21.33
N GLY D 38 -5.07 -7.51 21.57
CA GLY D 38 -5.38 -8.15 22.83
C GLY D 38 -5.74 -7.20 23.96
N LYS D 39 -5.72 -5.89 23.72
CA LYS D 39 -5.86 -4.95 24.83
C LYS D 39 -7.28 -4.97 25.42
N GLN D 40 -8.31 -5.18 24.60
CA GLN D 40 -9.68 -5.21 25.12
C GLN D 40 -9.91 -6.45 25.97
N GLY D 41 -9.31 -7.58 25.60
CA GLY D 41 -9.40 -8.77 26.43
C GLY D 41 -8.67 -8.62 27.75
N TYR D 42 -7.48 -8.02 27.71
CA TYR D 42 -6.79 -7.70 28.97
C TYR D 42 -7.63 -6.81 29.86
N ALA D 43 -8.31 -5.81 29.28
CA ALA D 43 -9.12 -4.89 30.08
C ALA D 43 -10.27 -5.63 30.77
N VAL D 44 -10.91 -6.58 30.08
CA VAL D 44 -11.98 -7.37 30.70
C VAL D 44 -11.46 -8.22 31.86
N ALA D 45 -10.28 -8.85 31.67
CA ALA D 45 -9.71 -9.63 32.77
C ALA D 45 -9.38 -8.73 33.95
N ARG D 46 -8.73 -7.60 33.68
CA ARG D 46 -8.34 -6.67 34.73
C ARG D 46 -9.56 -6.17 35.50
N VAL D 47 -10.61 -5.79 34.78
CA VAL D 47 -11.83 -5.35 35.45
C VAL D 47 -12.43 -6.50 36.25
N LEU D 48 -12.50 -7.68 35.64
CA LEU D 48 -12.94 -8.87 36.34
C LEU D 48 -12.13 -9.07 37.61
N ALA D 49 -10.80 -8.97 37.49
CA ALA D 49 -9.98 -9.11 38.68
C ALA D 49 -10.26 -8.00 39.69
N GLN D 50 -10.40 -6.76 39.21
CA GLN D 50 -10.69 -5.64 40.11
C GLN D 50 -12.02 -5.79 40.78
N ARG D 51 -12.96 -6.50 40.16
CA ARG D 51 -14.28 -6.62 40.74
C ARG D 51 -14.44 -7.91 41.53
N GLY D 52 -13.32 -8.55 41.87
CA GLY D 52 -13.27 -9.63 42.84
C GLY D 52 -13.19 -11.03 42.28
N ALA D 53 -13.19 -11.18 40.95
CA ALA D 53 -13.12 -12.50 40.34
C ALA D 53 -11.72 -13.09 40.45
N ASP D 54 -11.66 -14.42 40.53
CA ASP D 54 -10.40 -15.16 40.46
C ASP D 54 -10.18 -15.46 38.98
N VAL D 55 -9.24 -14.73 38.37
CA VAL D 55 -9.11 -14.60 36.93
C VAL D 55 -7.88 -15.38 36.48
N THR D 56 -8.06 -16.18 35.45
CA THR D 56 -6.98 -16.82 34.71
C THR D 56 -7.06 -16.26 33.29
N LEU D 57 -5.92 -15.80 32.77
CA LEU D 57 -5.83 -15.10 31.49
C LEU D 57 -4.92 -15.92 30.57
N ILE D 58 -5.49 -16.46 29.50
CA ILE D 58 -4.72 -17.15 28.47
C ILE D 58 -4.39 -16.12 27.41
N ALA D 59 -3.10 -15.86 27.19
CA ALA D 59 -2.65 -14.76 26.34
C ALA D 59 -1.94 -15.30 25.11
N GLY D 60 -2.33 -14.77 23.95
CA GLY D 60 -1.64 -15.01 22.71
C GLY D 60 -0.53 -14.02 22.44
N ASN D 61 -0.58 -13.35 21.30
CA ASN D 61 0.49 -12.49 20.82
C ASN D 61 0.37 -11.11 21.46
N THR D 62 0.75 -11.02 22.74
CA THR D 62 0.58 -9.81 23.57
C THR D 62 1.80 -9.54 24.47
N ALA D 63 3.02 -9.61 23.95
CA ALA D 63 4.19 -9.43 24.80
C ALA D 63 4.40 -7.99 25.27
N GLY D 64 3.87 -7.00 24.56
CA GLY D 64 4.11 -5.69 25.13
C GLY D 64 3.03 -5.19 26.09
N LEU D 65 2.04 -6.04 26.39
CA LEU D 65 1.01 -5.70 27.35
C LEU D 65 1.49 -5.99 28.77
N ILE D 66 0.96 -5.24 29.70
CA ILE D 66 1.34 -5.47 31.09
C ILE D 66 0.39 -6.50 31.67
N ASP D 67 0.93 -7.43 32.45
CA ASP D 67 0.10 -8.46 33.06
C ASP D 67 -0.87 -7.81 34.04
N PRO D 68 -2.18 -8.07 33.94
CA PRO D 68 -3.10 -7.52 34.93
C PRO D 68 -2.76 -8.06 36.31
N ALA D 69 -2.77 -7.15 37.28
CA ALA D 69 -2.43 -7.53 38.65
C ALA D 69 -3.48 -8.47 39.21
N GLY D 70 -3.04 -9.48 39.96
CA GLY D 70 -3.96 -10.44 40.54
C GLY D 70 -4.53 -11.48 39.60
N VAL D 71 -3.97 -11.65 38.40
CA VAL D 71 -4.50 -12.55 37.37
C VAL D 71 -3.45 -13.63 37.08
N GLU D 72 -3.89 -14.91 37.07
CA GLU D 72 -3.02 -16.04 36.68
C GLU D 72 -2.82 -16.05 35.17
N MET D 73 -1.56 -15.98 34.71
CA MET D 73 -1.24 -15.87 33.28
C MET D 73 -0.92 -17.24 32.68
N VAL D 74 -1.48 -17.50 31.51
CA VAL D 74 -1.15 -18.67 30.70
C VAL D 74 -0.80 -18.20 29.30
N HIS D 75 0.41 -18.52 28.84
CA HIS D 75 0.94 -18.01 27.59
C HIS D 75 0.83 -19.09 26.51
N ILE D 76 0.34 -18.69 25.33
CA ILE D 76 0.20 -19.60 24.20
C ILE D 76 0.67 -18.93 22.93
N GLY D 77 0.95 -19.75 21.91
CA GLY D 77 1.33 -19.31 20.58
C GLY D 77 0.24 -19.49 19.55
N SER D 78 -0.15 -20.74 19.27
CA SER D 78 -1.05 -21.03 18.16
C SER D 78 -2.48 -21.20 18.62
N ALA D 79 -3.37 -21.31 17.64
CA ALA D 79 -4.76 -21.61 17.95
C ALA D 79 -4.89 -22.97 18.64
N THR D 80 -4.06 -23.94 18.23
CA THR D 80 -4.12 -25.27 18.82
C THR D 80 -3.65 -25.26 20.27
N GLN D 81 -2.56 -24.56 20.55
CA GLN D 81 -2.12 -24.46 21.94
C GLN D 81 -3.13 -23.70 22.78
N LEU D 82 -3.79 -22.71 22.18
CA LEU D 82 -4.92 -22.05 22.81
C LEU D 82 -6.01 -23.06 23.18
N ARG D 83 -6.38 -23.92 22.24
CA ARG D 83 -7.39 -24.95 22.50
C ARG D 83 -7.02 -25.81 23.68
N ASP D 84 -5.76 -26.26 23.73
CA ASP D 84 -5.32 -27.14 24.81
C ASP D 84 -5.32 -26.42 26.15
N ALA D 85 -4.94 -25.14 26.18
CA ALA D 85 -4.98 -24.36 27.41
C ALA D 85 -6.41 -24.21 27.91
N VAL D 86 -7.35 -23.89 27.00
CA VAL D 86 -8.77 -23.81 27.35
C VAL D 86 -9.27 -25.18 27.82
N SER D 87 -8.84 -26.26 27.17
CA SER D 87 -9.22 -27.61 27.59
C SER D 87 -8.75 -27.88 29.01
N LYS D 88 -7.55 -27.41 29.33
CA LYS D 88 -6.99 -27.64 30.65
C LYS D 88 -7.67 -26.80 31.71
N HIS D 89 -7.89 -25.52 31.44
CA HIS D 89 -8.36 -24.61 32.49
C HIS D 89 -9.87 -24.40 32.52
N ALA D 90 -10.61 -24.83 31.50
CA ALA D 90 -12.07 -24.60 31.50
C ALA D 90 -12.83 -25.34 32.61
N PRO D 91 -12.46 -26.57 32.99
CA PRO D 91 -13.29 -27.27 33.98
C PRO D 91 -13.38 -26.56 35.31
N ASP D 92 -12.43 -25.71 35.63
CA ASP D 92 -12.41 -25.06 36.92
C ASP D 92 -13.10 -23.71 36.89
N ALA D 93 -13.47 -23.25 35.71
CA ALA D 93 -14.00 -21.92 35.49
C ALA D 93 -15.50 -21.86 35.74
N ASN D 94 -15.95 -20.66 36.14
CA ASN D 94 -17.37 -20.33 36.13
C ASN D 94 -17.76 -19.45 34.95
N VAL D 95 -16.80 -18.73 34.37
CA VAL D 95 -17.02 -17.82 33.25
C VAL D 95 -15.91 -18.03 32.24
N LEU D 96 -16.27 -18.18 30.96
CA LEU D 96 -15.31 -18.26 29.86
C LEU D 96 -15.52 -17.06 28.96
N VAL D 97 -14.49 -16.24 28.80
CA VAL D 97 -14.55 -15.03 27.99
C VAL D 97 -13.63 -15.21 26.80
N MET D 98 -14.20 -15.44 25.61
CA MET D 98 -13.42 -15.73 24.41
C MET D 98 -13.10 -14.46 23.63
N ALA D 99 -12.12 -13.68 24.12
CA ALA D 99 -11.76 -12.39 23.51
C ALA D 99 -10.60 -12.48 22.52
N ALA D 100 -9.97 -13.64 22.40
CA ALA D 100 -8.81 -13.80 21.55
C ALA D 100 -9.20 -13.87 20.08
N ALA D 101 -8.32 -13.34 19.23
CA ALA D 101 -8.44 -13.44 17.77
C ALA D 101 -7.80 -14.73 17.33
N VAL D 102 -8.59 -15.79 17.35
CA VAL D 102 -8.08 -17.12 17.04
C VAL D 102 -7.98 -17.25 15.54
N ALA D 103 -6.81 -17.65 15.05
CA ALA D 103 -6.66 -17.91 13.62
C ALA D 103 -7.64 -18.97 13.20
N ASP D 104 -8.41 -18.68 12.15
CA ASP D 104 -9.40 -19.64 11.66
C ASP D 104 -8.72 -20.79 10.91
N PHE D 105 -7.54 -20.56 10.34
CA PHE D 105 -6.84 -21.55 9.53
C PHE D 105 -5.38 -21.64 9.96
N ARG D 106 -4.75 -22.75 9.59
CA ARG D 106 -3.38 -23.06 9.94
C ARG D 106 -2.68 -23.66 8.75
N PRO D 107 -1.37 -23.43 8.60
CA PRO D 107 -0.61 -24.12 7.54
C PRO D 107 -0.67 -25.64 7.71
N ALA D 108 -0.88 -26.33 6.59
CA ALA D 108 -0.92 -27.78 6.61
C ALA D 108 0.44 -28.36 7.02
N HIS D 109 1.53 -27.79 6.49
CA HIS D 109 2.88 -28.22 6.83
C HIS D 109 3.64 -27.09 7.52
N VAL D 110 4.27 -27.39 8.66
CA VAL D 110 5.20 -26.47 9.31
C VAL D 110 6.60 -27.05 9.13
N ALA D 111 7.48 -26.27 8.50
CA ALA D 111 8.80 -26.80 8.22
C ALA D 111 9.63 -26.87 9.50
N ALA D 112 10.57 -27.81 9.51
CA ALA D 112 11.49 -27.95 10.65
C ALA D 112 12.55 -26.86 10.67
N ALA D 113 12.86 -26.28 9.52
CA ALA D 113 13.78 -25.16 9.45
C ALA D 113 13.16 -24.07 8.58
N LYS D 114 13.81 -22.91 8.55
CA LYS D 114 13.31 -21.81 7.75
C LYS D 114 13.36 -22.18 6.28
N ILE D 115 12.21 -22.03 5.61
CA ILE D 115 12.16 -22.20 4.16
C ILE D 115 13.11 -21.20 3.50
N LYS D 116 14.11 -21.72 2.78
CA LYS D 116 15.10 -20.86 2.14
C LYS D 116 14.54 -20.18 0.89
N LYS D 117 14.98 -18.95 0.65
CA LYS D 117 14.65 -18.17 -0.53
C LYS D 117 15.29 -19.04 -1.54
N GLY D 118 14.48 -19.76 -2.28
CA GLY D 118 14.99 -20.74 -3.22
C GLY D 118 15.41 -20.20 -4.54
N ALA D 119 14.94 -20.82 -5.60
CA ALA D 119 15.33 -20.35 -6.88
C ALA D 119 14.20 -20.59 -7.81
N SER D 120 13.47 -21.66 -7.62
CA SER D 120 12.38 -21.96 -8.49
C SER D 120 11.06 -21.34 -8.11
N GLU D 121 9.96 -21.81 -8.63
CA GLU D 121 8.73 -21.12 -8.28
C GLU D 121 8.41 -21.11 -6.80
N PRO D 122 8.09 -19.94 -6.21
CA PRO D 122 7.67 -19.92 -4.80
C PRO D 122 6.48 -20.83 -4.58
N SER D 123 6.64 -21.82 -3.70
CA SER D 123 5.56 -22.77 -3.51
C SER D 123 4.36 -22.07 -2.89
N SER D 124 3.36 -22.84 -2.49
CA SER D 124 2.16 -22.28 -1.90
C SER D 124 1.94 -22.84 -0.50
N ILE D 125 1.12 -22.14 0.27
CA ILE D 125 0.81 -22.54 1.62
C ILE D 125 -0.54 -23.24 1.59
N ASP D 126 -0.54 -24.53 1.90
CA ASP D 126 -1.77 -25.27 2.08
C ASP D 126 -2.30 -24.95 3.46
N LEU D 127 -3.58 -24.68 3.55
CA LEU D 127 -4.13 -24.33 4.84
C LEU D 127 -4.96 -25.49 5.37
N VAL D 128 -5.04 -25.54 6.69
CA VAL D 128 -5.87 -26.49 7.40
C VAL D 128 -6.61 -25.68 8.46
N ARG D 129 -7.90 -25.98 8.62
CA ARG D 129 -8.74 -25.24 9.54
C ARG D 129 -8.39 -25.61 10.97
N ASN D 130 -8.41 -24.63 11.87
CA ASN D 130 -8.23 -24.86 13.30
C ASN D 130 -9.57 -25.16 13.97
N ASP D 131 -9.52 -25.83 15.12
CA ASP D 131 -10.76 -26.08 15.86
C ASP D 131 -11.31 -24.76 16.36
N ASP D 132 -12.65 -24.65 16.35
CA ASP D 132 -13.35 -23.49 16.90
C ASP D 132 -13.43 -23.69 18.42
N VAL D 133 -12.58 -22.97 19.15
CA VAL D 133 -12.41 -23.21 20.57
C VAL D 133 -13.68 -22.84 21.35
N LEU D 134 -14.31 -21.72 20.98
CA LEU D 134 -15.55 -21.30 21.61
C LEU D 134 -16.65 -22.35 21.41
N ALA D 135 -16.78 -22.87 20.19
CA ALA D 135 -17.81 -23.88 19.92
C ALA D 135 -17.50 -25.19 20.64
N GLY D 136 -16.22 -25.55 20.75
CA GLY D 136 -15.86 -26.72 21.52
C GLY D 136 -16.27 -26.63 22.98
N ALA D 137 -16.09 -25.45 23.58
CA ALA D 137 -16.51 -25.23 24.97
C ALA D 137 -18.03 -25.29 25.14
N VAL D 138 -18.77 -24.69 24.20
CA VAL D 138 -20.23 -24.74 24.26
C VAL D 138 -20.74 -26.17 24.16
N ARG D 139 -20.19 -26.96 23.24
CA ARG D 139 -20.66 -28.33 23.10
C ARG D 139 -20.26 -29.16 24.31
N ALA D 140 -19.03 -28.96 24.79
CA ALA D 140 -18.56 -29.64 25.98
C ALA D 140 -19.49 -29.38 27.16
N ARG D 141 -19.94 -28.13 27.32
CA ARG D 141 -20.89 -27.82 28.39
C ARG D 141 -22.23 -28.48 28.14
N ALA D 142 -22.65 -28.55 26.87
CA ALA D 142 -23.93 -29.14 26.54
C ALA D 142 -23.92 -30.65 26.79
N ASP D 143 -22.76 -31.27 26.73
CA ASP D 143 -22.58 -32.70 26.97
C ASP D 143 -22.34 -33.02 28.44
N GLY D 144 -22.40 -32.04 29.33
CA GLY D 144 -22.22 -32.30 30.74
C GLY D 144 -20.79 -32.27 31.22
N GLN D 145 -19.84 -31.88 30.38
CA GLN D 145 -18.42 -31.90 30.69
C GLN D 145 -17.91 -30.63 31.37
N LEU D 146 -18.73 -29.59 31.50
CA LEU D 146 -18.32 -28.34 32.14
C LEU D 146 -19.36 -27.95 33.17
N PRO D 147 -19.54 -28.79 34.21
CA PRO D 147 -20.57 -28.50 35.21
C PRO D 147 -20.39 -27.18 35.95
N ASN D 148 -19.16 -26.69 36.09
CA ASN D 148 -18.96 -25.43 36.78
C ASN D 148 -19.27 -24.22 35.91
N MET D 149 -19.42 -24.41 34.60
CA MET D 149 -19.48 -23.29 33.69
C MET D 149 -20.87 -22.66 33.72
N ARG D 150 -20.93 -21.37 34.03
CA ARG D 150 -22.19 -20.65 34.16
C ARG D 150 -22.44 -19.65 33.03
N ALA D 151 -21.38 -19.15 32.40
CA ALA D 151 -21.49 -18.11 31.37
C ALA D 151 -20.35 -18.25 30.37
N ILE D 152 -20.69 -18.36 29.09
CA ILE D 152 -19.72 -18.41 27.99
C ILE D 152 -19.88 -17.13 27.15
N VAL D 153 -18.80 -16.37 27.01
CA VAL D 153 -18.84 -15.07 26.35
C VAL D 153 -18.04 -15.13 25.05
N GLY D 154 -18.70 -14.77 23.94
CA GLY D 154 -18.01 -14.67 22.67
C GLY D 154 -17.83 -13.23 22.20
N PHE D 155 -16.86 -13.03 21.31
CA PHE D 155 -16.57 -11.73 20.70
C PHE D 155 -16.71 -11.85 19.20
N ALA D 156 -17.14 -10.77 18.56
CA ALA D 156 -17.23 -10.78 17.12
C ALA D 156 -17.07 -9.37 16.58
N ALA D 157 -16.39 -9.27 15.45
CA ALA D 157 -16.35 -8.06 14.66
C ALA D 157 -17.27 -8.23 13.45
N GLU D 158 -18.31 -7.41 13.38
CA GLU D 158 -19.33 -7.50 12.33
C GLU D 158 -19.51 -6.14 11.64
N GLY D 164 -26.22 -7.69 4.01
CA GLY D 164 -26.82 -7.38 5.29
C GLY D 164 -26.05 -6.32 6.05
N ASP D 165 -26.70 -5.71 7.03
CA ASP D 165 -26.04 -4.74 7.91
C ASP D 165 -25.24 -5.47 9.00
N VAL D 166 -24.55 -4.67 9.81
CA VAL D 166 -23.68 -5.24 10.85
C VAL D 166 -24.48 -6.14 11.79
N LEU D 167 -25.66 -5.68 12.21
CA LEU D 167 -26.41 -6.43 13.21
C LEU D 167 -27.01 -7.71 12.61
N PHE D 168 -27.28 -7.71 11.30
CA PHE D 168 -27.72 -8.95 10.65
C PHE D 168 -26.74 -10.09 10.89
N HIS D 169 -25.47 -9.89 10.56
CA HIS D 169 -24.45 -10.93 10.72
C HIS D 169 -24.26 -11.29 12.20
N ALA D 170 -24.43 -10.34 13.12
CA ALA D 170 -24.17 -10.58 14.53
C ALA D 170 -25.20 -11.50 15.16
N ARG D 171 -26.48 -11.29 14.84
CA ARG D 171 -27.53 -12.12 15.43
C ARG D 171 -27.34 -13.59 15.06
N ALA D 172 -27.14 -13.88 13.77
CA ALA D 172 -26.92 -15.25 13.33
C ALA D 172 -25.64 -15.84 13.94
N LYS D 173 -24.62 -15.02 14.13
CA LYS D 173 -23.39 -15.56 14.69
C LYS D 173 -23.67 -16.04 16.09
N LEU D 174 -24.32 -15.21 16.88
CA LEU D 174 -24.64 -15.63 18.23
C LEU D 174 -25.48 -16.91 18.23
N GLU D 175 -26.53 -16.95 17.40
CA GLU D 175 -27.38 -18.12 17.35
C GLU D 175 -26.57 -19.36 16.96
N ARG D 176 -25.63 -19.20 16.05
CA ARG D 176 -24.85 -20.33 15.58
C ARG D 176 -23.87 -20.79 16.64
N LYS D 177 -23.24 -19.84 17.34
CA LYS D 177 -22.18 -20.21 18.27
C LYS D 177 -22.75 -20.86 19.53
N GLY D 178 -23.93 -20.43 19.97
CA GLY D 178 -24.52 -20.95 21.18
C GLY D 178 -23.94 -20.43 22.48
N CYS D 179 -23.09 -19.41 22.44
CA CYS D 179 -22.58 -18.87 23.69
C CYS D 179 -23.67 -18.05 24.36
N ASP D 180 -23.45 -17.70 25.62
CA ASP D 180 -24.46 -16.94 26.34
C ASP D 180 -24.44 -15.46 25.98
N LEU D 181 -23.28 -14.89 25.64
CA LEU D 181 -23.17 -13.46 25.38
C LEU D 181 -22.23 -13.23 24.21
N LEU D 182 -22.64 -12.37 23.27
CA LEU D 182 -21.81 -12.01 22.12
C LEU D 182 -21.55 -10.50 22.13
N VAL D 183 -20.30 -10.12 22.39
CA VAL D 183 -19.86 -8.73 22.34
C VAL D 183 -19.45 -8.40 20.90
N VAL D 184 -20.18 -7.51 20.25
CA VAL D 184 -19.97 -7.23 18.83
C VAL D 184 -19.36 -5.84 18.67
N ASN D 185 -18.23 -5.77 17.95
CA ASN D 185 -17.56 -4.52 17.57
C ASN D 185 -17.29 -3.61 18.78
N ALA D 186 -16.68 -4.19 19.81
CA ALA D 186 -16.32 -3.40 20.99
C ALA D 186 -15.02 -2.63 20.78
N ASP D 199 -20.96 1.26 16.11
CA ASP D 199 -21.74 0.15 15.56
C ASP D 199 -21.64 -1.15 16.38
N GLY D 200 -21.38 -1.07 17.68
CA GLY D 200 -21.20 -2.25 18.50
C GLY D 200 -22.40 -2.56 19.40
N TRP D 201 -22.39 -3.78 19.95
CA TRP D 201 -23.54 -4.32 20.67
C TRP D 201 -23.13 -5.36 21.71
N LEU D 202 -23.96 -5.48 22.76
CA LEU D 202 -23.95 -6.63 23.67
C LEU D 202 -25.26 -7.39 23.45
N LEU D 203 -25.18 -8.53 22.77
CA LEU D 203 -26.35 -9.35 22.47
C LEU D 203 -26.36 -10.58 23.38
N SER D 204 -27.41 -10.68 24.19
CA SER D 204 -27.65 -11.83 25.07
C SER D 204 -28.48 -12.91 24.37
N ALA D 205 -28.34 -14.15 24.86
CA ALA D 205 -29.03 -15.33 24.33
C ALA D 205 -30.50 -15.38 24.69
N ASP D 206 -31.00 -14.44 25.51
CA ASP D 206 -32.42 -14.32 25.76
C ASP D 206 -33.06 -13.22 24.91
N GLY D 207 -32.34 -12.69 23.92
CA GLY D 207 -32.87 -11.72 22.98
C GLY D 207 -32.52 -10.29 23.28
N THR D 208 -32.16 -9.97 24.52
CA THR D 208 -31.76 -8.61 24.87
C THR D 208 -30.59 -8.15 24.00
N GLU D 209 -30.66 -6.90 23.55
CA GLU D 209 -29.62 -6.30 22.73
C GLU D 209 -29.33 -4.91 23.27
N SER D 210 -28.10 -4.68 23.72
CA SER D 210 -27.66 -3.38 24.22
C SER D 210 -26.64 -2.77 23.28
N ALA D 211 -26.79 -1.48 22.99
CA ALA D 211 -25.77 -0.77 22.22
C ALA D 211 -24.52 -0.58 23.05
N LEU D 212 -23.36 -0.70 22.42
CA LEU D 212 -22.08 -0.51 23.08
C LEU D 212 -21.55 0.83 22.60
N GLU D 213 -21.58 1.82 23.48
CA GLU D 213 -21.28 3.23 23.22
C GLU D 213 -19.80 3.46 22.94
N HIS D 214 -19.47 4.67 22.51
CA HIS D 214 -18.09 5.03 22.23
C HIS D 214 -17.37 5.28 23.55
N GLY D 215 -16.30 4.52 23.81
CA GLY D 215 -15.51 4.82 24.98
C GLY D 215 -14.12 4.23 24.93
N SER D 216 -13.49 4.26 26.10
CA SER D 216 -12.18 3.67 26.30
C SER D 216 -12.30 2.14 26.42
N LYS D 217 -11.16 1.47 26.27
CA LYS D 217 -11.11 0.04 26.50
C LYS D 217 -11.55 -0.29 27.92
N THR D 218 -11.30 0.61 28.86
CA THR D 218 -11.72 0.44 30.25
C THR D 218 -13.25 0.50 30.40
N LEU D 219 -13.89 1.48 29.76
CA LEU D 219 -15.34 1.54 29.87
C LEU D 219 -15.99 0.38 29.15
N MET D 220 -15.39 -0.08 28.04
CA MET D 220 -15.97 -1.21 27.34
C MET D 220 -15.91 -2.46 28.20
N ALA D 221 -14.78 -2.66 28.89
CA ALA D 221 -14.63 -3.78 29.82
C ALA D 221 -15.63 -3.71 30.97
N THR D 222 -15.87 -2.50 31.49
CA THR D 222 -16.84 -2.31 32.57
C THR D 222 -18.25 -2.68 32.15
N ARG D 223 -18.65 -2.30 30.92
CA ARG D 223 -19.98 -2.65 30.41
C ARG D 223 -20.12 -4.13 30.12
N ILE D 224 -19.04 -4.76 29.64
CA ILE D 224 -19.07 -6.19 29.34
C ILE D 224 -19.24 -7.00 30.62
N VAL D 225 -18.42 -6.71 31.63
CA VAL D 225 -18.51 -7.41 32.91
C VAL D 225 -19.85 -7.16 33.57
N ASP D 226 -20.37 -5.92 33.48
CA ASP D 226 -21.74 -5.65 33.91
C ASP D 226 -22.72 -6.60 33.21
N SER D 227 -22.53 -6.82 31.90
CA SER D 227 -23.35 -7.78 31.20
C SER D 227 -23.20 -9.19 31.77
N ILE D 228 -21.96 -9.61 32.03
CA ILE D 228 -21.73 -10.93 32.61
C ILE D 228 -22.40 -11.05 33.97
N ALA D 229 -22.14 -10.08 34.85
CA ALA D 229 -22.72 -10.11 36.19
C ALA D 229 -24.25 -10.13 36.12
N ALA D 230 -24.83 -9.36 35.18
CA ALA D 230 -26.29 -9.33 35.03
C ALA D 230 -26.82 -10.66 34.59
N PHE D 231 -26.08 -11.38 33.75
CA PHE D 231 -26.51 -12.69 33.32
C PHE D 231 -26.37 -13.70 34.46
N LEU D 232 -25.28 -13.61 35.22
CA LEU D 232 -25.05 -14.57 36.30
C LEU D 232 -26.15 -14.48 37.33
N LYS D 233 -26.64 -13.28 37.63
CA LYS D 233 -27.74 -13.16 38.59
C LYS D 233 -29.05 -13.64 37.99
N SER D 234 -29.27 -13.37 36.69
CA SER D 234 -30.51 -13.78 36.01
C SER D 234 -30.73 -15.29 36.12
N GLN D 235 -29.67 -16.08 36.02
CA GLN D 235 -29.83 -17.52 36.19
C GLN D 235 -29.77 -17.94 37.66
#